data_6Z3O
#
_entry.id   6Z3O
#
_cell.length_a   86.150
_cell.length_b   86.050
_cell.length_c   122.580
_cell.angle_alpha   90.000
_cell.angle_beta   101.770
_cell.angle_gamma   90.000
#
_symmetry.space_group_name_H-M   'C 1 2 1'
#
loop_
_entity.id
_entity.type
_entity.pdbx_description
1 polymer 'Small Alarmone Hydrolase'
2 non-polymer 'MANGANESE (II) ION'
3 water water
#
_entity_poly.entity_id   1
_entity_poly.type   'polypeptide(L)'
_entity_poly.pdbx_seq_one_letter_code
;MGSSHHHHHHSSGENLYFQSHMSAPTMSTHLADHYNQAWLFAARAHRNQTLSGSPLPYLVHLGMVANELLAADRDGAIER
LGETLQIAVLHDTLQDTATSPEELRQQFGEFVCAGVQALSKRVGDGPKRSLDDYLQALAEGPAQYALVKLCDRITNLQPP
PQTWNQDKIANYHQESQLILARLGHAHAATARRLREKIEHYRQYY
;
_entity_poly.pdbx_strand_id   AAA,BBB,CCC,DDD
#
loop_
_chem_comp.id
_chem_comp.type
_chem_comp.name
_chem_comp.formula
MN non-polymer 'MANGANESE (II) ION' 'Mn 2'
#
# COMPACT_ATOMS: atom_id res chain seq x y z
N SER A 28 -48.07 -19.92 9.93
CA SER A 28 -48.21 -19.24 8.60
C SER A 28 -47.15 -19.78 7.63
N THR A 29 -45.92 -19.30 7.76
CA THR A 29 -44.93 -19.34 6.67
C THR A 29 -43.73 -20.14 7.19
N HIS A 30 -43.47 -21.24 6.51
CA HIS A 30 -42.31 -22.11 6.76
C HIS A 30 -41.00 -21.31 6.57
N LEU A 31 -40.04 -21.60 7.42
CA LEU A 31 -38.69 -20.98 7.42
C LEU A 31 -38.05 -21.12 6.03
N ALA A 32 -38.19 -22.25 5.36
CA ALA A 32 -37.63 -22.47 4.00
C ALA A 32 -38.36 -21.65 2.95
N ASP A 33 -39.65 -21.39 3.13
CA ASP A 33 -40.37 -20.50 2.18
C ASP A 33 -39.90 -19.03 2.36
N HIS A 34 -39.66 -18.60 3.59
CA HIS A 34 -39.04 -17.25 3.88
C HIS A 34 -37.68 -17.17 3.17
N TYR A 35 -36.86 -18.23 3.30
CA TYR A 35 -35.52 -18.27 2.67
C TYR A 35 -35.70 -18.14 1.18
N ASN A 36 -36.57 -18.97 0.58
CA ASN A 36 -36.61 -19.05 -0.90
C ASN A 36 -37.01 -17.70 -1.51
N GLN A 37 -37.97 -17.04 -0.87
CA GLN A 37 -38.48 -15.74 -1.38
C GLN A 37 -37.31 -14.75 -1.45
N ALA A 38 -36.51 -14.71 -0.37
CA ALA A 38 -35.38 -13.74 -0.22
C ALA A 38 -34.26 -14.12 -1.20
N TRP A 39 -34.02 -15.45 -1.27
CA TRP A 39 -32.92 -16.08 -2.08
C TRP A 39 -33.11 -15.81 -3.58
N LEU A 40 -34.33 -15.97 -4.10
CA LEU A 40 -34.63 -15.76 -5.53
C LEU A 40 -34.49 -14.27 -5.84
N PHE A 41 -34.98 -13.45 -4.93
CA PHE A 41 -34.88 -11.96 -5.02
C PHE A 41 -33.39 -11.53 -5.13
N ALA A 42 -32.57 -12.02 -4.22
CA ALA A 42 -31.11 -11.72 -4.11
C ALA A 42 -30.35 -12.28 -5.32
N ALA A 43 -30.66 -13.50 -5.79
CA ALA A 43 -30.02 -14.06 -7.00
C ALA A 43 -30.24 -13.15 -8.21
N ARG A 44 -31.45 -12.57 -8.36
CA ARG A 44 -31.75 -11.60 -9.46
C ARG A 44 -30.97 -10.30 -9.22
N ALA A 45 -31.13 -9.74 -8.04
CA ALA A 45 -30.60 -8.39 -7.70
C ALA A 45 -29.08 -8.34 -7.96
N HIS A 46 -28.36 -9.40 -7.52
CA HIS A 46 -26.88 -9.55 -7.53
C HIS A 46 -26.38 -10.32 -8.78
N ARG A 47 -27.20 -10.47 -9.81
CA ARG A 47 -26.82 -11.33 -10.97
C ARG A 47 -25.58 -10.78 -11.69
N ASN A 48 -25.33 -9.47 -11.64
CA ASN A 48 -24.15 -8.89 -12.33
C ASN A 48 -22.95 -8.76 -11.38
N GLN A 49 -22.96 -9.46 -10.24
CA GLN A 49 -21.91 -9.25 -9.19
C GLN A 49 -21.17 -10.56 -8.86
N THR A 50 -19.84 -10.48 -8.69
CA THR A 50 -18.99 -11.65 -8.31
C THR A 50 -18.45 -11.45 -6.88
N LEU A 51 -17.86 -12.49 -6.29
CA LEU A 51 -17.02 -12.32 -5.07
C LEU A 51 -15.85 -11.43 -5.44
N SER A 52 -15.18 -10.81 -4.46
CA SER A 52 -13.97 -9.99 -4.72
C SER A 52 -12.86 -10.88 -5.30
N GLY A 53 -12.25 -10.44 -6.41
CA GLY A 53 -11.08 -11.08 -7.06
C GLY A 53 -11.37 -12.47 -7.58
N SER A 54 -12.60 -12.98 -7.43
CA SER A 54 -13.01 -14.32 -7.90
C SER A 54 -14.10 -14.14 -8.97
N PRO A 55 -14.18 -15.01 -9.99
CA PRO A 55 -15.27 -14.92 -10.97
C PRO A 55 -16.59 -15.56 -10.50
N LEU A 56 -16.57 -16.23 -9.34
CA LEU A 56 -17.71 -16.93 -8.72
C LEU A 56 -18.80 -15.90 -8.37
N PRO A 57 -20.07 -16.31 -8.44
CA PRO A 57 -21.16 -15.40 -8.14
C PRO A 57 -21.12 -14.87 -6.71
N TYR A 58 -21.51 -13.61 -6.56
CA TYR A 58 -21.68 -12.98 -5.23
C TYR A 58 -22.62 -13.83 -4.37
N LEU A 59 -23.56 -14.52 -5.01
CA LEU A 59 -24.47 -15.42 -4.29
C LEU A 59 -23.70 -16.38 -3.39
N VAL A 60 -22.44 -16.74 -3.72
CA VAL A 60 -21.61 -17.63 -2.86
C VAL A 60 -21.53 -17.03 -1.45
N HIS A 61 -21.23 -15.72 -1.31
CA HIS A 61 -21.17 -15.04 0.00
C HIS A 61 -22.50 -15.14 0.74
N LEU A 62 -23.60 -14.88 0.03
CA LEU A 62 -24.91 -14.74 0.73
C LEU A 62 -25.34 -16.11 1.27
N GLY A 63 -25.10 -17.17 0.48
CA GLY A 63 -25.33 -18.53 0.98
C GLY A 63 -24.67 -18.80 2.30
N MET A 64 -23.40 -18.43 2.43
CA MET A 64 -22.66 -18.70 3.66
C MET A 64 -23.19 -17.82 4.81
N VAL A 65 -23.49 -16.53 4.56
CA VAL A 65 -24.04 -15.69 5.65
C VAL A 65 -25.36 -16.28 6.18
N ALA A 66 -26.26 -16.67 5.27
CA ALA A 66 -27.61 -17.17 5.64
C ALA A 66 -27.45 -18.48 6.42
N ASN A 67 -26.57 -19.37 5.92
CA ASN A 67 -26.33 -20.65 6.65
C ASN A 67 -25.79 -20.36 8.05
N GLU A 68 -24.82 -19.46 8.17
CA GLU A 68 -24.33 -19.06 9.52
C GLU A 68 -25.51 -18.67 10.39
N LEU A 69 -26.44 -17.87 9.84
CA LEU A 69 -27.50 -17.37 10.72
C LEU A 69 -28.42 -18.51 11.16
N LEU A 70 -28.80 -19.40 10.23
CA LEU A 70 -29.72 -20.51 10.62
C LEU A 70 -29.00 -21.44 11.62
N ALA A 71 -27.70 -21.69 11.44
CA ALA A 71 -26.92 -22.52 12.39
C ALA A 71 -26.91 -21.86 13.77
N ALA A 72 -26.76 -20.52 13.84
CA ALA A 72 -26.72 -19.73 15.11
C ALA A 72 -27.96 -20.03 15.95
N ASP A 73 -29.15 -20.11 15.35
CA ASP A 73 -30.41 -20.45 16.06
C ASP A 73 -30.25 -21.73 16.91
N ARG A 74 -29.55 -22.76 16.40
CA ARG A 74 -29.35 -24.04 17.15
C ARG A 74 -28.65 -23.80 18.49
N ASP A 75 -27.85 -22.74 18.60
CA ASP A 75 -27.03 -22.45 19.82
C ASP A 75 -27.59 -21.23 20.59
N GLY A 76 -28.85 -20.93 20.37
CA GLY A 76 -29.53 -19.77 20.99
C GLY A 76 -30.67 -19.25 20.13
N ALA A 77 -31.92 -19.57 20.50
CA ALA A 77 -33.09 -19.30 19.63
C ALA A 77 -33.17 -17.81 19.31
N ILE A 78 -33.56 -17.44 18.12
CA ILE A 78 -33.60 -16.05 17.55
C ILE A 78 -35.07 -15.70 17.39
N GLU A 79 -35.54 -14.60 18.01
CA GLU A 79 -36.89 -14.03 17.77
C GLU A 79 -36.96 -13.63 16.31
N ARG A 80 -38.08 -13.91 15.64
CA ARG A 80 -38.34 -13.50 14.23
C ARG A 80 -37.26 -14.15 13.34
N LEU A 81 -37.12 -15.46 13.46
CA LEU A 81 -36.04 -16.19 12.75
C LEU A 81 -36.24 -16.12 11.23
N GLY A 82 -37.47 -16.31 10.74
CA GLY A 82 -37.76 -16.23 9.30
C GLY A 82 -37.25 -14.94 8.69
N GLU A 83 -37.66 -13.82 9.26
CA GLU A 83 -37.33 -12.48 8.71
C GLU A 83 -35.83 -12.21 8.85
N THR A 84 -35.25 -12.63 9.95
CA THR A 84 -33.78 -12.44 10.22
C THR A 84 -32.97 -13.28 9.21
N LEU A 85 -33.44 -14.50 8.91
CA LEU A 85 -32.80 -15.28 7.82
C LEU A 85 -32.91 -14.48 6.51
N GLN A 86 -34.09 -13.86 6.22
CA GLN A 86 -34.26 -13.09 4.96
C GLN A 86 -33.27 -11.90 4.97
N ILE A 87 -33.12 -11.24 6.10
CA ILE A 87 -32.15 -10.10 6.23
C ILE A 87 -30.72 -10.59 5.94
N ALA A 88 -30.37 -11.79 6.36
CA ALA A 88 -29.03 -12.37 6.07
C ALA A 88 -28.88 -12.55 4.55
N VAL A 89 -29.93 -13.03 3.87
CA VAL A 89 -29.85 -13.16 2.40
C VAL A 89 -29.77 -11.81 1.68
N LEU A 90 -30.48 -10.78 2.20
CA LEU A 90 -30.70 -9.52 1.43
C LEU A 90 -29.76 -8.39 1.88
N HIS A 91 -28.83 -8.67 2.79
CA HIS A 91 -28.14 -7.61 3.58
C HIS A 91 -27.32 -6.65 2.69
N ASP A 92 -26.93 -7.07 1.50
CA ASP A 92 -26.15 -6.30 0.51
C ASP A 92 -27.02 -5.72 -0.60
N THR A 93 -28.36 -5.91 -0.64
CA THR A 93 -29.14 -5.45 -1.82
C THR A 93 -29.11 -3.93 -1.95
N LEU A 94 -29.24 -3.17 -0.87
CA LEU A 94 -29.41 -1.70 -1.02
C LEU A 94 -28.06 -1.04 -1.36
N GLN A 95 -26.96 -1.67 -0.91
CA GLN A 95 -25.62 -1.14 -1.16
C GLN A 95 -25.19 -1.44 -2.58
N ASP A 96 -25.43 -2.66 -3.08
CA ASP A 96 -24.71 -3.14 -4.30
C ASP A 96 -25.62 -3.35 -5.51
N THR A 97 -26.94 -3.24 -5.37
CA THR A 97 -27.90 -3.61 -6.46
C THR A 97 -28.85 -2.45 -6.77
N ALA A 98 -29.68 -2.58 -7.81
CA ALA A 98 -30.71 -1.59 -8.22
C ALA A 98 -31.94 -1.59 -7.28
N THR A 99 -31.93 -2.34 -6.17
CA THR A 99 -33.02 -2.55 -5.19
C THR A 99 -33.34 -1.27 -4.42
N SER A 100 -34.62 -0.90 -4.36
CA SER A 100 -35.13 0.24 -3.57
C SER A 100 -35.58 -0.22 -2.20
N PRO A 101 -35.48 0.62 -1.15
CA PRO A 101 -36.14 0.33 0.11
C PRO A 101 -37.64 0.02 -0.07
N GLU A 102 -38.34 0.71 -1.00
CA GLU A 102 -39.81 0.53 -1.13
C GLU A 102 -40.07 -0.93 -1.58
N GLU A 103 -39.30 -1.44 -2.54
CA GLU A 103 -39.38 -2.85 -3.01
C GLU A 103 -39.21 -3.81 -1.83
N LEU A 104 -38.19 -3.64 -0.99
CA LEU A 104 -38.01 -4.53 0.20
C LEU A 104 -39.21 -4.37 1.15
N ARG A 105 -39.70 -3.14 1.39
CA ARG A 105 -40.78 -2.95 2.37
C ARG A 105 -42.03 -3.63 1.80
N GLN A 106 -42.30 -3.50 0.49
CA GLN A 106 -43.55 -4.05 -0.11
C GLN A 106 -43.47 -5.58 -0.10
N GLN A 107 -42.33 -6.16 -0.48
CA GLN A 107 -42.23 -7.61 -0.67
C GLN A 107 -41.90 -8.34 0.64
N PHE A 108 -41.18 -7.74 1.61
CA PHE A 108 -40.67 -8.49 2.78
C PHE A 108 -41.17 -7.90 4.09
N GLY A 109 -41.69 -6.65 4.08
CA GLY A 109 -42.11 -5.95 5.32
C GLY A 109 -41.08 -4.97 5.91
N GLU A 110 -41.52 -4.16 6.87
CA GLU A 110 -40.72 -3.10 7.53
C GLU A 110 -39.51 -3.71 8.23
N PHE A 111 -39.70 -4.72 9.08
CA PHE A 111 -38.61 -5.24 9.94
C PHE A 111 -37.42 -5.68 9.06
N VAL A 112 -37.69 -6.32 7.92
CA VAL A 112 -36.63 -6.76 6.96
C VAL A 112 -36.01 -5.53 6.26
N CYS A 113 -36.85 -4.64 5.72
CA CYS A 113 -36.38 -3.39 5.11
C CYS A 113 -35.40 -2.72 6.08
N ALA A 114 -35.79 -2.49 7.35
CA ALA A 114 -35.02 -1.69 8.36
C ALA A 114 -33.75 -2.49 8.71
N GLY A 115 -33.83 -3.82 8.65
CA GLY A 115 -32.64 -4.70 8.77
C GLY A 115 -31.60 -4.45 7.68
N VAL A 116 -32.02 -4.48 6.40
CA VAL A 116 -31.10 -4.26 5.25
C VAL A 116 -30.54 -2.82 5.35
N GLN A 117 -31.38 -1.82 5.68
CA GLN A 117 -30.92 -0.41 5.84
C GLN A 117 -29.84 -0.29 6.95
N ALA A 118 -30.08 -0.86 8.13
CA ALA A 118 -29.14 -0.91 9.28
C ALA A 118 -27.80 -1.48 8.82
N LEU A 119 -27.85 -2.50 7.96
CA LEU A 119 -26.62 -3.22 7.53
C LEU A 119 -25.94 -2.55 6.33
N SER A 120 -26.55 -1.51 5.72
CA SER A 120 -26.05 -0.78 4.53
C SER A 120 -25.19 0.40 5.00
N LYS A 121 -23.88 0.30 4.76
CA LYS A 121 -22.91 1.40 5.05
C LYS A 121 -23.27 2.59 4.19
N ARG A 122 -23.67 2.29 2.95
CA ARG A 122 -24.09 3.23 1.89
C ARG A 122 -25.28 2.59 1.20
N VAL A 123 -26.35 3.36 0.93
CA VAL A 123 -27.51 2.93 0.11
C VAL A 123 -27.34 3.53 -1.27
N GLY A 124 -27.28 2.70 -2.30
CA GLY A 124 -26.99 3.14 -3.67
C GLY A 124 -25.87 4.18 -3.67
N ASP A 125 -26.11 5.37 -4.21
CA ASP A 125 -25.08 6.45 -4.29
C ASP A 125 -25.36 7.57 -3.26
N GLY A 126 -26.18 7.34 -2.22
CA GLY A 126 -26.28 8.22 -1.04
C GLY A 126 -24.94 8.28 -0.30
N PRO A 127 -24.84 9.04 0.83
CA PRO A 127 -23.61 9.13 1.60
C PRO A 127 -23.24 7.80 2.28
N LYS A 128 -21.94 7.49 2.33
CA LYS A 128 -21.40 6.32 3.09
C LYS A 128 -21.18 6.71 4.58
N ARG A 129 -21.73 5.93 5.52
CA ARG A 129 -21.63 6.19 6.97
C ARG A 129 -20.26 5.72 7.47
N SER A 130 -19.71 6.40 8.47
CA SER A 130 -18.48 6.01 9.19
C SER A 130 -18.72 4.67 9.91
N LEU A 131 -17.65 3.94 10.21
CA LEU A 131 -17.77 2.67 10.95
C LEU A 131 -18.37 2.94 12.33
N ASP A 132 -17.96 4.00 13.02
CA ASP A 132 -18.46 4.23 14.39
C ASP A 132 -19.99 4.42 14.35
N ASP A 133 -20.46 5.24 13.43
N ASP A 133 -20.51 5.24 13.43
CA ASP A 133 -21.91 5.50 13.23
CA ASP A 133 -21.97 5.48 13.30
C ASP A 133 -22.61 4.17 12.93
C ASP A 133 -22.67 4.16 12.91
N TYR A 134 -22.10 3.45 11.93
CA TYR A 134 -22.59 2.13 11.46
C TYR A 134 -22.73 1.17 12.65
N LEU A 135 -21.64 0.97 13.40
CA LEU A 135 -21.65 0.01 14.52
C LEU A 135 -22.51 0.51 15.67
N GLN A 136 -22.49 1.81 15.98
CA GLN A 136 -23.35 2.34 17.07
C GLN A 136 -24.82 2.02 16.77
N ALA A 137 -25.27 2.29 15.55
CA ALA A 137 -26.71 2.14 15.15
C ALA A 137 -27.09 0.66 15.27
N LEU A 138 -26.18 -0.23 14.85
CA LEU A 138 -26.41 -1.70 14.96
C LEU A 138 -26.45 -2.14 16.43
N ALA A 139 -25.56 -1.60 17.29
CA ALA A 139 -25.49 -1.94 18.74
C ALA A 139 -26.82 -1.56 19.45
N GLU A 140 -27.41 -0.43 19.08
CA GLU A 140 -28.53 0.17 19.82
C GLU A 140 -29.86 -0.32 19.23
N GLY A 141 -29.82 -0.83 18.00
CA GLY A 141 -30.97 -1.32 17.24
C GLY A 141 -31.30 -2.77 17.56
N PRO A 142 -32.24 -3.35 16.80
CA PRO A 142 -32.65 -4.74 17.00
C PRO A 142 -31.41 -5.65 16.97
N ALA A 143 -31.28 -6.48 18.00
CA ALA A 143 -30.15 -7.44 18.16
C ALA A 143 -30.08 -8.38 16.94
N GLN A 144 -31.20 -8.67 16.28
CA GLN A 144 -31.16 -9.61 15.13
C GLN A 144 -30.29 -9.00 14.02
N TYR A 145 -30.37 -7.67 13.79
CA TYR A 145 -29.57 -6.97 12.74
C TYR A 145 -28.06 -7.11 13.07
N ALA A 146 -27.73 -6.89 14.33
CA ALA A 146 -26.33 -7.00 14.86
C ALA A 146 -25.89 -8.45 14.65
N LEU A 147 -26.76 -9.37 14.96
CA LEU A 147 -26.41 -10.81 14.79
C LEU A 147 -26.07 -11.14 13.32
N VAL A 148 -26.80 -10.59 12.35
CA VAL A 148 -26.54 -10.81 10.91
C VAL A 148 -25.17 -10.22 10.63
N LYS A 149 -24.83 -9.07 11.23
CA LYS A 149 -23.47 -8.53 10.99
C LYS A 149 -22.41 -9.49 11.51
N LEU A 150 -22.58 -10.09 12.67
CA LEU A 150 -21.59 -11.07 13.20
C LEU A 150 -21.41 -12.21 12.18
N CYS A 151 -22.51 -12.69 11.57
CA CYS A 151 -22.51 -13.83 10.62
C CYS A 151 -21.79 -13.39 9.35
N ASP A 152 -21.95 -12.12 8.94
CA ASP A 152 -21.27 -11.51 7.79
C ASP A 152 -19.73 -11.51 8.06
N ARG A 153 -19.30 -10.98 9.20
CA ARG A 153 -17.85 -10.87 9.48
C ARG A 153 -17.27 -12.29 9.60
N ILE A 154 -17.93 -13.20 10.32
CA ILE A 154 -17.49 -14.63 10.40
C ILE A 154 -17.26 -15.17 8.98
N THR A 155 -18.20 -14.97 8.05
CA THR A 155 -18.05 -15.39 6.62
C THR A 155 -16.84 -14.73 5.97
N ASN A 156 -16.59 -13.48 6.30
CA ASN A 156 -15.53 -12.70 5.62
C ASN A 156 -14.18 -13.01 6.25
N LEU A 157 -14.08 -13.81 7.29
CA LEU A 157 -12.79 -14.26 7.88
C LEU A 157 -12.36 -15.65 7.36
N GLN A 158 -12.91 -16.09 6.21
CA GLN A 158 -12.24 -17.11 5.36
C GLN A 158 -10.86 -16.58 4.98
N PRO A 159 -9.96 -17.45 4.45
CA PRO A 159 -8.64 -17.02 3.97
C PRO A 159 -8.69 -15.82 3.04
N PRO A 160 -7.83 -14.83 3.27
CA PRO A 160 -7.92 -13.59 2.51
C PRO A 160 -7.65 -13.80 1.03
N PRO A 161 -8.23 -12.95 0.14
CA PRO A 161 -7.91 -12.99 -1.28
C PRO A 161 -6.39 -12.98 -1.48
N GLN A 162 -5.94 -13.70 -2.52
CA GLN A 162 -4.52 -13.95 -2.85
C GLN A 162 -3.79 -12.64 -3.18
N THR A 163 -4.50 -11.55 -3.47
CA THR A 163 -3.91 -10.27 -3.92
C THR A 163 -3.82 -9.25 -2.78
N TRP A 164 -4.15 -9.60 -1.55
CA TRP A 164 -4.07 -8.70 -0.37
C TRP A 164 -2.67 -8.80 0.22
N ASN A 165 -2.03 -7.69 0.51
CA ASN A 165 -0.71 -7.72 1.20
C ASN A 165 -0.96 -7.87 2.70
N GLN A 166 0.12 -8.09 3.43
CA GLN A 166 0.17 -8.29 4.90
C GLN A 166 -0.55 -7.14 5.63
N ASP A 167 -0.38 -5.90 5.12
CA ASP A 167 -0.94 -4.68 5.76
C ASP A 167 -2.47 -4.70 5.65
N LYS A 168 -2.98 -5.07 4.48
CA LYS A 168 -4.45 -5.08 4.23
C LYS A 168 -5.10 -6.13 5.13
N ILE A 169 -4.47 -7.32 5.23
CA ILE A 169 -4.89 -8.43 6.10
C ILE A 169 -4.93 -7.94 7.55
N ALA A 170 -3.84 -7.31 8.02
CA ALA A 170 -3.69 -6.88 9.42
C ALA A 170 -4.82 -5.89 9.74
N ASN A 171 -5.05 -4.95 8.85
CA ASN A 171 -6.09 -3.90 9.06
C ASN A 171 -7.45 -4.61 9.13
N TYR A 172 -7.71 -5.63 8.29
CA TYR A 172 -9.05 -6.28 8.27
C TYR A 172 -9.24 -7.02 9.59
N HIS A 173 -8.18 -7.67 10.07
CA HIS A 173 -8.15 -8.33 11.40
C HIS A 173 -8.54 -7.33 12.52
N GLN A 174 -7.88 -6.18 12.59
CA GLN A 174 -8.19 -5.14 13.60
C GLN A 174 -9.65 -4.65 13.47
N GLU A 175 -10.13 -4.34 12.27
CA GLU A 175 -11.56 -3.95 12.05
C GLU A 175 -12.47 -5.06 12.60
N SER A 176 -12.16 -6.33 12.38
CA SER A 176 -12.97 -7.46 12.88
C SER A 176 -13.06 -7.43 14.42
N GLN A 177 -11.95 -7.08 15.07
CA GLN A 177 -11.93 -6.97 16.55
C GLN A 177 -12.90 -5.88 17.02
N LEU A 178 -13.00 -4.76 16.30
CA LEU A 178 -14.01 -3.70 16.67
C LEU A 178 -15.43 -4.25 16.51
N ILE A 179 -15.69 -4.95 15.43
CA ILE A 179 -17.05 -5.53 15.19
C ILE A 179 -17.40 -6.48 16.35
N LEU A 180 -16.45 -7.33 16.78
CA LEU A 180 -16.66 -8.19 17.96
C LEU A 180 -16.95 -7.34 19.21
N ALA A 181 -16.14 -6.32 19.49
CA ALA A 181 -16.30 -5.50 20.71
C ALA A 181 -17.67 -4.80 20.68
N ARG A 182 -18.07 -4.27 19.52
CA ARG A 182 -19.27 -3.39 19.43
C ARG A 182 -20.54 -4.23 19.33
N LEU A 183 -20.51 -5.46 18.80
CA LEU A 183 -21.78 -6.15 18.45
C LEU A 183 -21.84 -7.55 19.06
N GLY A 184 -20.80 -8.03 19.74
CA GLY A 184 -20.80 -9.40 20.30
C GLY A 184 -21.92 -9.62 21.28
N HIS A 185 -22.44 -8.56 21.95
CA HIS A 185 -23.58 -8.68 22.89
C HIS A 185 -24.75 -9.41 22.21
N ALA A 186 -24.88 -9.35 20.88
CA ALA A 186 -26.16 -9.66 20.16
C ALA A 186 -26.51 -11.15 20.30
N HIS A 187 -25.50 -12.03 20.38
CA HIS A 187 -25.76 -13.51 20.44
C HIS A 187 -24.49 -14.21 20.96
N ALA A 188 -24.55 -14.85 22.13
CA ALA A 188 -23.36 -15.28 22.90
C ALA A 188 -22.61 -16.32 22.08
N ALA A 189 -23.29 -17.30 21.53
CA ALA A 189 -22.61 -18.37 20.78
C ALA A 189 -21.91 -17.81 19.55
N THR A 190 -22.58 -16.90 18.82
CA THR A 190 -22.06 -16.34 17.54
C THR A 190 -20.87 -15.44 17.91
N ALA A 191 -20.92 -14.69 19.01
CA ALA A 191 -19.75 -13.89 19.47
C ALA A 191 -18.54 -14.83 19.72
N ARG A 192 -18.77 -15.93 20.43
CA ARG A 192 -17.73 -16.99 20.63
C ARG A 192 -17.17 -17.45 19.29
N ARG A 193 -18.00 -17.67 18.29
CA ARG A 193 -17.53 -18.19 16.98
C ARG A 193 -16.72 -17.10 16.27
N LEU A 194 -17.17 -15.85 16.34
CA LEU A 194 -16.42 -14.73 15.71
C LEU A 194 -15.04 -14.60 16.39
N ARG A 195 -14.94 -14.70 17.71
CA ARG A 195 -13.62 -14.61 18.41
C ARG A 195 -12.68 -15.69 17.86
N GLU A 196 -13.19 -16.93 17.72
CA GLU A 196 -12.37 -18.07 17.24
C GLU A 196 -11.94 -17.78 15.79
N LYS A 197 -12.82 -17.22 14.96
CA LYS A 197 -12.44 -16.90 13.55
C LYS A 197 -11.36 -15.80 13.54
N ILE A 198 -11.48 -14.86 14.48
CA ILE A 198 -10.51 -13.72 14.62
C ILE A 198 -9.13 -14.28 15.03
N GLU A 199 -9.10 -15.17 16.01
CA GLU A 199 -7.87 -15.86 16.49
C GLU A 199 -7.28 -16.67 15.32
N HIS A 200 -8.10 -17.39 14.57
CA HIS A 200 -7.65 -18.21 13.40
C HIS A 200 -7.07 -17.31 12.30
N TYR A 201 -7.58 -16.09 12.12
CA TYR A 201 -7.21 -15.25 10.96
C TYR A 201 -5.80 -14.66 11.20
N ARG A 202 -5.40 -14.62 12.46
CA ARG A 202 -4.09 -14.10 12.91
C ARG A 202 -2.99 -14.79 12.11
N GLN A 203 -3.22 -16.04 11.66
CA GLN A 203 -2.20 -16.87 11.00
C GLN A 203 -1.87 -16.27 9.63
N TYR A 204 -2.70 -15.42 9.05
CA TYR A 204 -2.49 -14.95 7.65
C TYR A 204 -1.50 -13.77 7.63
N TYR A 205 -0.98 -13.35 8.78
CA TYR A 205 -0.01 -12.21 8.86
C TYR A 205 0.85 -12.25 10.13
N THR B 29 6.15 18.61 -21.92
CA THR B 29 6.29 17.70 -20.78
C THR B 29 7.18 16.50 -21.20
N HIS B 30 8.23 16.32 -20.45
CA HIS B 30 9.24 15.28 -20.67
C HIS B 30 8.53 13.93 -20.48
N LEU B 31 8.84 12.99 -21.34
CA LEU B 31 8.36 11.60 -21.20
C LEU B 31 8.51 11.07 -19.75
N ALA B 32 9.63 11.31 -19.07
CA ALA B 32 9.81 10.76 -17.71
C ALA B 32 8.87 11.41 -16.71
N ASP B 33 8.52 12.68 -16.93
CA ASP B 33 7.54 13.37 -16.05
C ASP B 33 6.13 12.75 -16.26
N HIS B 34 5.80 12.39 -17.49
CA HIS B 34 4.51 11.68 -17.78
C HIS B 34 4.51 10.37 -17.02
N TYR B 35 5.63 9.58 -17.11
CA TYR B 35 5.76 8.31 -16.36
C TYR B 35 5.51 8.56 -14.89
N ASN B 36 6.23 9.51 -14.30
CA ASN B 36 6.28 9.68 -12.82
C ASN B 36 4.85 9.98 -12.33
N GLN B 37 4.17 10.89 -13.01
CA GLN B 37 2.79 11.26 -12.59
C GLN B 37 1.89 10.00 -12.53
N ALA B 38 1.98 9.14 -13.55
CA ALA B 38 1.13 7.91 -13.66
C ALA B 38 1.63 6.86 -12.65
N TRP B 39 2.97 6.80 -12.48
CA TRP B 39 3.64 5.83 -11.60
C TRP B 39 3.25 6.07 -10.15
N LEU B 40 3.25 7.32 -9.68
CA LEU B 40 3.02 7.55 -8.25
C LEU B 40 1.52 7.33 -7.98
N PHE B 41 0.67 7.70 -8.97
CA PHE B 41 -0.80 7.49 -8.94
C PHE B 41 -1.10 5.99 -8.77
N ALA B 42 -0.46 5.16 -9.61
CA ALA B 42 -0.60 3.69 -9.62
C ALA B 42 -0.07 3.08 -8.32
N ALA B 43 1.09 3.53 -7.80
CA ALA B 43 1.61 2.94 -6.55
C ALA B 43 0.62 3.16 -5.41
N ARG B 44 0.03 4.36 -5.34
CA ARG B 44 -1.00 4.73 -4.31
C ARG B 44 -2.27 3.89 -4.56
N ALA B 45 -2.77 3.86 -5.78
CA ALA B 45 -4.05 3.18 -6.13
C ALA B 45 -3.93 1.68 -5.77
N HIS B 46 -2.81 1.06 -6.14
CA HIS B 46 -2.56 -0.39 -5.91
C HIS B 46 -1.76 -0.66 -4.62
N ARG B 47 -1.73 0.26 -3.65
CA ARG B 47 -0.95 0.16 -2.38
C ARG B 47 -1.30 -1.13 -1.61
N ASN B 48 -2.54 -1.64 -1.59
CA ASN B 48 -2.75 -2.87 -0.76
C ASN B 48 -2.64 -4.17 -1.60
N GLN B 49 -2.15 -4.10 -2.82
CA GLN B 49 -2.31 -5.20 -3.81
C GLN B 49 -0.95 -5.88 -4.11
N THR B 50 -0.93 -7.21 -4.11
CA THR B 50 0.26 -8.02 -4.49
C THR B 50 -0.02 -8.72 -5.81
N LEU B 51 1.04 -9.21 -6.44
CA LEU B 51 0.92 -10.26 -7.48
C LEU B 51 0.14 -11.40 -6.83
N SER B 52 -0.71 -12.06 -7.62
CA SER B 52 -1.51 -13.21 -7.13
C SER B 52 -0.59 -14.30 -6.56
N GLY B 53 -0.74 -14.64 -5.27
CA GLY B 53 -0.06 -15.73 -4.55
C GLY B 53 1.35 -15.36 -4.10
N SER B 54 1.73 -14.09 -4.27
CA SER B 54 3.11 -13.60 -4.01
C SER B 54 3.09 -12.50 -2.96
N PRO B 55 4.15 -12.36 -2.13
CA PRO B 55 4.26 -11.20 -1.24
C PRO B 55 4.64 -9.92 -2.00
N LEU B 56 5.08 -10.06 -3.26
CA LEU B 56 5.63 -8.92 -4.05
C LEU B 56 4.51 -7.98 -4.49
N PRO B 57 4.77 -6.66 -4.43
CA PRO B 57 3.77 -5.67 -4.85
C PRO B 57 3.29 -5.83 -6.29
N TYR B 58 1.99 -5.53 -6.53
CA TYR B 58 1.43 -5.47 -7.90
C TYR B 58 2.23 -4.53 -8.79
N LEU B 59 2.83 -3.50 -8.19
CA LEU B 59 3.67 -2.54 -8.94
C LEU B 59 4.71 -3.30 -9.78
N VAL B 60 5.15 -4.46 -9.30
CA VAL B 60 6.14 -5.29 -10.07
C VAL B 60 5.60 -5.49 -11.50
N HIS B 61 4.32 -5.88 -11.63
CA HIS B 61 3.72 -6.12 -12.97
C HIS B 61 3.75 -4.84 -13.81
N LEU B 62 3.32 -3.74 -13.20
CA LEU B 62 3.15 -2.47 -13.94
C LEU B 62 4.49 -1.97 -14.48
N GLY B 63 5.55 -2.03 -13.65
CA GLY B 63 6.91 -1.69 -14.10
C GLY B 63 7.28 -2.41 -15.37
N MET B 64 7.04 -3.73 -15.43
CA MET B 64 7.39 -4.52 -16.65
C MET B 64 6.56 -4.11 -17.87
N VAL B 65 5.25 -3.88 -17.72
CA VAL B 65 4.38 -3.51 -18.87
C VAL B 65 4.80 -2.15 -19.41
N ALA B 66 5.05 -1.20 -18.52
CA ALA B 66 5.46 0.16 -18.93
C ALA B 66 6.82 0.11 -19.63
N ASN B 67 7.74 -0.72 -19.11
CA ASN B 67 9.10 -0.83 -19.69
C ASN B 67 8.97 -1.47 -21.08
N GLU B 68 8.15 -2.54 -21.23
CA GLU B 68 7.88 -3.07 -22.59
C GLU B 68 7.41 -1.98 -23.53
N LEU B 69 6.47 -1.13 -23.06
CA LEU B 69 5.90 -0.12 -23.97
C LEU B 69 6.96 0.90 -24.40
N LEU B 70 7.78 1.40 -23.46
CA LEU B 70 8.83 2.38 -23.84
C LEU B 70 9.88 1.70 -24.76
N ALA B 71 10.27 0.45 -24.47
CA ALA B 71 11.21 -0.32 -25.34
C ALA B 71 10.63 -0.47 -26.75
N ALA B 72 9.30 -0.66 -26.86
CA ALA B 72 8.59 -0.87 -28.14
C ALA B 72 8.86 0.32 -29.04
N ASP B 73 8.93 1.54 -28.51
CA ASP B 73 9.03 2.77 -29.32
C ASP B 73 10.34 2.76 -30.12
N ARG B 74 11.38 2.14 -29.56
CA ARG B 74 12.72 2.04 -30.19
C ARG B 74 12.59 1.30 -31.52
N ASP B 75 11.59 0.42 -31.67
CA ASP B 75 11.45 -0.51 -32.82
C ASP B 75 10.24 -0.12 -33.69
N GLY B 76 9.71 1.10 -33.52
CA GLY B 76 8.57 1.64 -34.29
C GLY B 76 7.94 2.77 -33.47
N ALA B 77 8.21 4.01 -33.86
CA ALA B 77 7.73 5.20 -33.11
C ALA B 77 6.20 5.13 -32.94
N ILE B 78 5.76 5.47 -31.75
CA ILE B 78 4.35 5.47 -31.23
C ILE B 78 3.89 6.93 -31.14
N GLU B 79 2.82 7.28 -31.83
CA GLU B 79 2.09 8.57 -31.66
C GLU B 79 1.64 8.66 -30.20
N ARG B 80 1.73 9.85 -29.59
CA ARG B 80 1.22 10.07 -28.22
C ARG B 80 1.94 9.12 -27.24
N LEU B 81 3.26 9.07 -27.35
CA LEU B 81 4.08 8.12 -26.55
C LEU B 81 3.86 8.39 -25.07
N GLY B 82 3.96 9.64 -24.62
CA GLY B 82 3.84 9.92 -23.18
C GLY B 82 2.57 9.41 -22.55
N GLU B 83 1.42 9.69 -23.18
CA GLU B 83 0.07 9.27 -22.67
C GLU B 83 -0.03 7.75 -22.78
N THR B 84 0.52 7.18 -23.84
CA THR B 84 0.50 5.68 -24.02
C THR B 84 1.31 5.02 -22.89
N LEU B 85 2.48 5.59 -22.53
CA LEU B 85 3.24 5.09 -21.36
C LEU B 85 2.40 5.19 -20.09
N GLN B 86 1.65 6.29 -19.90
CA GLN B 86 0.81 6.42 -18.70
C GLN B 86 -0.27 5.33 -18.75
N ILE B 87 -0.85 5.07 -19.93
CA ILE B 87 -1.91 4.01 -20.03
C ILE B 87 -1.33 2.66 -19.60
N ALA B 88 -0.10 2.42 -19.99
CA ALA B 88 0.56 1.14 -19.59
C ALA B 88 0.66 1.07 -18.08
N VAL B 89 1.11 2.16 -17.42
CA VAL B 89 1.22 2.22 -15.94
C VAL B 89 -0.15 2.05 -15.27
N LEU B 90 -1.17 2.72 -15.83
CA LEU B 90 -2.49 2.88 -15.16
C LEU B 90 -3.50 1.79 -15.63
N HIS B 91 -3.12 0.87 -16.53
CA HIS B 91 -4.11 0.01 -17.26
C HIS B 91 -4.98 -0.86 -16.31
N ASP B 92 -4.56 -1.21 -15.10
CA ASP B 92 -5.35 -2.02 -14.15
C ASP B 92 -6.04 -1.19 -13.08
N THR B 93 -5.97 0.16 -13.12
CA THR B 93 -6.53 0.98 -12.01
C THR B 93 -8.07 0.84 -11.93
N LEU B 94 -8.80 0.79 -13.03
CA LEU B 94 -10.31 0.75 -12.91
C LEU B 94 -10.74 -0.66 -12.52
N GLN B 95 -10.01 -1.69 -12.94
CA GLN B 95 -10.32 -3.09 -12.60
C GLN B 95 -10.15 -3.33 -11.10
N ASP B 96 -9.01 -2.93 -10.51
CA ASP B 96 -8.57 -3.50 -9.19
C ASP B 96 -8.57 -2.45 -8.08
N THR B 97 -8.88 -1.18 -8.35
CA THR B 97 -8.61 -0.09 -7.34
C THR B 97 -9.82 0.84 -7.21
N ALA B 98 -9.81 1.70 -6.18
CA ALA B 98 -10.86 2.71 -5.89
C ALA B 98 -10.62 3.97 -6.73
N THR B 99 -10.14 3.82 -7.94
CA THR B 99 -9.94 4.88 -8.98
C THR B 99 -11.23 4.99 -9.81
N SER B 100 -11.69 6.21 -10.06
CA SER B 100 -12.84 6.56 -10.94
C SER B 100 -12.36 7.00 -12.31
N PRO B 101 -13.16 6.80 -13.40
CA PRO B 101 -12.84 7.40 -14.70
C PRO B 101 -12.71 8.95 -14.59
N GLU B 102 -13.52 9.57 -13.74
CA GLU B 102 -13.54 11.05 -13.53
C GLU B 102 -12.13 11.48 -13.07
N GLU B 103 -11.58 10.79 -12.06
CA GLU B 103 -10.21 11.04 -11.54
C GLU B 103 -9.18 10.91 -12.68
N LEU B 104 -9.20 9.80 -13.46
CA LEU B 104 -8.24 9.61 -14.59
C LEU B 104 -8.43 10.73 -15.62
N ARG B 105 -9.67 11.10 -15.92
CA ARG B 105 -9.96 12.13 -16.96
C ARG B 105 -9.36 13.46 -16.48
N GLN B 106 -9.54 13.76 -15.19
CA GLN B 106 -9.20 15.10 -14.63
C GLN B 106 -7.68 15.18 -14.54
N GLN B 107 -7.02 14.10 -14.16
CA GLN B 107 -5.56 14.15 -13.89
C GLN B 107 -4.75 13.80 -15.14
N PHE B 108 -5.26 12.94 -16.04
CA PHE B 108 -4.46 12.47 -17.19
C PHE B 108 -5.06 12.88 -18.52
N GLY B 109 -6.32 13.25 -18.61
CA GLY B 109 -6.95 13.56 -19.91
C GLY B 109 -7.81 12.39 -20.46
N GLU B 110 -8.67 12.70 -21.45
CA GLU B 110 -9.70 11.77 -21.98
C GLU B 110 -8.97 10.62 -22.69
N PHE B 111 -7.87 10.90 -23.39
CA PHE B 111 -7.13 9.88 -24.17
C PHE B 111 -6.58 8.78 -23.24
N VAL B 112 -6.02 9.14 -22.09
CA VAL B 112 -5.56 8.17 -21.05
C VAL B 112 -6.74 7.43 -20.39
N CYS B 113 -7.73 8.17 -19.86
CA CYS B 113 -8.98 7.58 -19.29
C CYS B 113 -9.56 6.53 -20.27
N ALA B 114 -9.74 6.89 -21.55
CA ALA B 114 -10.41 6.00 -22.55
C ALA B 114 -9.53 4.77 -22.81
N GLY B 115 -8.21 4.96 -22.75
CA GLY B 115 -7.25 3.84 -22.81
C GLY B 115 -7.42 2.83 -21.68
N VAL B 116 -7.48 3.30 -20.43
CA VAL B 116 -7.66 2.42 -19.26
C VAL B 116 -9.05 1.75 -19.42
N GLN B 117 -10.06 2.50 -19.87
CA GLN B 117 -11.41 1.94 -19.95
C GLN B 117 -11.38 0.79 -20.99
N ALA B 118 -10.83 1.03 -22.18
CA ALA B 118 -10.68 0.00 -23.25
C ALA B 118 -10.04 -1.27 -22.67
N LEU B 119 -9.04 -1.13 -21.77
CA LEU B 119 -8.20 -2.26 -21.31
C LEU B 119 -8.84 -2.93 -20.08
N SER B 120 -9.91 -2.37 -19.52
CA SER B 120 -10.57 -2.93 -18.30
C SER B 120 -11.57 -3.98 -18.74
N LYS B 121 -11.26 -5.26 -18.53
CA LYS B 121 -12.14 -6.40 -18.90
C LYS B 121 -13.40 -6.27 -18.03
N ARG B 122 -13.22 -5.84 -16.78
CA ARG B 122 -14.30 -5.53 -15.80
C ARG B 122 -13.91 -4.31 -14.98
N VAL B 123 -14.89 -3.78 -14.25
CA VAL B 123 -14.66 -2.78 -13.19
C VAL B 123 -15.04 -3.44 -11.85
N GLY B 124 -14.11 -3.59 -10.92
CA GLY B 124 -14.35 -4.22 -9.61
C GLY B 124 -14.97 -5.60 -9.72
N ASP B 125 -16.01 -5.86 -8.91
CA ASP B 125 -16.75 -7.15 -8.83
C ASP B 125 -17.96 -7.12 -9.78
N GLY B 126 -17.95 -6.20 -10.74
CA GLY B 126 -19.01 -6.07 -11.76
C GLY B 126 -18.85 -7.11 -12.87
N PRO B 127 -19.68 -7.02 -13.92
CA PRO B 127 -19.67 -7.97 -15.02
C PRO B 127 -18.44 -7.79 -15.92
N LYS B 128 -17.76 -8.90 -16.15
CA LYS B 128 -16.64 -9.05 -17.10
C LYS B 128 -17.21 -9.05 -18.53
N ARG B 129 -16.59 -8.31 -19.44
CA ARG B 129 -16.84 -8.35 -20.90
C ARG B 129 -16.27 -9.67 -21.42
N SER B 130 -16.94 -10.28 -22.40
CA SER B 130 -16.39 -11.46 -23.13
C SER B 130 -15.06 -11.11 -23.79
N LEU B 131 -14.18 -12.11 -23.95
CA LEU B 131 -12.92 -11.89 -24.70
C LEU B 131 -13.24 -11.29 -26.09
N ASP B 132 -14.22 -11.82 -26.79
CA ASP B 132 -14.50 -11.34 -28.18
C ASP B 132 -14.85 -9.84 -28.19
N ASP B 133 -15.73 -9.38 -27.30
CA ASP B 133 -16.16 -7.96 -27.17
C ASP B 133 -14.92 -7.12 -26.85
N TYR B 134 -14.15 -7.58 -25.89
CA TYR B 134 -12.93 -6.90 -25.37
C TYR B 134 -11.93 -6.68 -26.51
N LEU B 135 -11.54 -7.76 -27.17
CA LEU B 135 -10.54 -7.66 -28.24
C LEU B 135 -11.10 -6.87 -29.42
N GLN B 136 -12.39 -7.02 -29.75
CA GLN B 136 -12.95 -6.29 -30.91
C GLN B 136 -12.81 -4.78 -30.65
N ALA B 137 -13.23 -4.32 -29.47
CA ALA B 137 -13.23 -2.88 -29.08
C ALA B 137 -11.77 -2.37 -29.11
N LEU B 138 -10.80 -3.20 -28.70
CA LEU B 138 -9.37 -2.80 -28.76
C LEU B 138 -8.86 -2.75 -30.21
N ALA B 139 -9.28 -3.70 -31.06
CA ALA B 139 -8.88 -3.78 -32.47
C ALA B 139 -9.39 -2.55 -33.23
N GLU B 140 -10.58 -2.08 -32.88
CA GLU B 140 -11.29 -1.06 -33.69
C GLU B 140 -10.99 0.34 -33.14
N GLY B 141 -10.44 0.42 -31.95
CA GLY B 141 -10.08 1.69 -31.30
C GLY B 141 -8.63 2.10 -31.60
N PRO B 142 -8.15 3.14 -30.89
CA PRO B 142 -6.78 3.61 -31.08
C PRO B 142 -5.75 2.46 -30.95
N ALA B 143 -4.85 2.30 -31.94
CA ALA B 143 -3.81 1.24 -31.96
C ALA B 143 -2.97 1.28 -30.68
N GLN B 144 -2.81 2.44 -30.04
CA GLN B 144 -1.92 2.53 -28.86
C GLN B 144 -2.51 1.64 -27.76
N TYR B 145 -3.85 1.61 -27.61
CA TYR B 145 -4.45 0.85 -26.49
C TYR B 145 -4.18 -0.65 -26.71
N ALA B 146 -4.35 -1.07 -27.96
CA ALA B 146 -4.08 -2.44 -28.47
C ALA B 146 -2.60 -2.80 -28.21
N LEU B 147 -1.72 -1.83 -28.45
CA LEU B 147 -0.26 -2.02 -28.22
C LEU B 147 -0.01 -2.26 -26.73
N VAL B 148 -0.65 -1.48 -25.85
CA VAL B 148 -0.52 -1.71 -24.39
C VAL B 148 -0.99 -3.14 -24.10
N LYS B 149 -2.08 -3.62 -24.72
CA LYS B 149 -2.48 -5.01 -24.40
C LYS B 149 -1.38 -6.00 -24.84
N LEU B 150 -0.82 -5.83 -26.02
CA LEU B 150 0.31 -6.73 -26.43
C LEU B 150 1.44 -6.74 -25.36
N CYS B 151 1.83 -5.58 -24.81
CA CYS B 151 2.89 -5.43 -23.79
C CYS B 151 2.46 -6.16 -22.52
N ASP B 152 1.19 -6.04 -22.14
CA ASP B 152 0.58 -6.73 -20.98
C ASP B 152 0.74 -8.27 -21.16
N ARG B 153 0.34 -8.79 -22.31
CA ARG B 153 0.30 -10.26 -22.53
C ARG B 153 1.75 -10.77 -22.59
N ILE B 154 2.64 -10.06 -23.28
CA ILE B 154 4.10 -10.36 -23.26
C ILE B 154 4.56 -10.56 -21.81
N THR B 155 4.24 -9.63 -20.93
CA THR B 155 4.70 -9.61 -19.52
C THR B 155 4.15 -10.83 -18.77
N ASN B 156 2.91 -11.21 -19.10
CA ASN B 156 2.20 -12.26 -18.36
C ASN B 156 2.62 -13.62 -18.90
N LEU B 157 3.44 -13.66 -19.95
CA LEU B 157 4.00 -14.93 -20.49
C LEU B 157 5.39 -15.23 -19.90
N GLN B 158 5.67 -14.72 -18.69
CA GLN B 158 6.77 -15.22 -17.81
C GLN B 158 6.36 -16.64 -17.40
N PRO B 159 7.26 -17.42 -16.78
CA PRO B 159 6.95 -18.79 -16.33
C PRO B 159 5.72 -18.79 -15.43
N PRO B 160 4.81 -19.77 -15.60
CA PRO B 160 3.55 -19.74 -14.88
C PRO B 160 3.80 -19.99 -13.40
N PRO B 161 2.97 -19.43 -12.50
CA PRO B 161 3.04 -19.80 -11.08
C PRO B 161 2.97 -21.33 -10.95
N GLN B 162 3.73 -21.87 -9.99
CA GLN B 162 3.83 -23.33 -9.76
C GLN B 162 2.48 -23.88 -9.27
N THR B 163 1.52 -22.99 -8.97
CA THR B 163 0.15 -23.37 -8.53
C THR B 163 -0.79 -23.48 -9.76
N TRP B 164 -0.32 -23.21 -10.98
CA TRP B 164 -1.13 -23.35 -12.23
C TRP B 164 -1.07 -24.80 -12.73
N ASN B 165 -2.20 -25.41 -13.06
CA ASN B 165 -2.25 -26.81 -13.57
C ASN B 165 -1.94 -26.79 -15.07
N GLN B 166 -1.83 -27.95 -15.68
CA GLN B 166 -1.49 -28.13 -17.11
C GLN B 166 -2.62 -27.55 -17.99
N ASP B 167 -3.88 -27.71 -17.56
CA ASP B 167 -5.09 -27.18 -18.25
C ASP B 167 -4.98 -25.66 -18.30
N LYS B 168 -4.61 -25.06 -17.17
CA LYS B 168 -4.61 -23.58 -16.97
C LYS B 168 -3.54 -22.97 -17.88
N ILE B 169 -2.35 -23.57 -17.86
CA ILE B 169 -1.21 -23.17 -18.71
C ILE B 169 -1.58 -23.33 -20.19
N ALA B 170 -2.11 -24.50 -20.58
CA ALA B 170 -2.52 -24.71 -21.99
C ALA B 170 -3.58 -23.64 -22.37
N ASN B 171 -4.61 -23.44 -21.55
CA ASN B 171 -5.69 -22.47 -21.92
C ASN B 171 -5.07 -21.08 -22.05
N TYR B 172 -4.12 -20.69 -21.19
CA TYR B 172 -3.56 -19.32 -21.20
C TYR B 172 -2.73 -19.13 -22.48
N HIS B 173 -2.02 -20.21 -22.84
CA HIS B 173 -1.28 -20.31 -24.12
C HIS B 173 -2.22 -20.06 -25.33
N GLN B 174 -3.39 -20.69 -25.36
CA GLN B 174 -4.38 -20.60 -26.49
C GLN B 174 -4.95 -19.17 -26.53
N GLU B 175 -5.35 -18.64 -25.39
CA GLU B 175 -5.86 -17.24 -25.23
C GLU B 175 -4.83 -16.22 -25.77
N SER B 176 -3.53 -16.40 -25.47
CA SER B 176 -2.44 -15.56 -26.01
C SER B 176 -2.49 -15.56 -27.55
N GLN B 177 -2.68 -16.75 -28.16
CA GLN B 177 -2.71 -16.85 -29.64
C GLN B 177 -3.86 -16.00 -30.19
N LEU B 178 -5.03 -15.94 -29.52
CA LEU B 178 -6.18 -15.09 -29.98
C LEU B 178 -5.81 -13.61 -29.82
N ILE B 179 -5.12 -13.23 -28.75
CA ILE B 179 -4.69 -11.80 -28.56
C ILE B 179 -3.75 -11.40 -29.69
N LEU B 180 -2.77 -12.25 -30.03
CA LEU B 180 -1.86 -11.99 -31.18
C LEU B 180 -2.66 -11.85 -32.50
N ALA B 181 -3.56 -12.79 -32.80
CA ALA B 181 -4.34 -12.76 -34.05
C ALA B 181 -5.20 -11.47 -34.09
N ARG B 182 -5.83 -11.10 -32.98
CA ARG B 182 -6.82 -9.99 -32.91
C ARG B 182 -6.12 -8.63 -32.81
N LEU B 183 -5.00 -8.50 -32.10
CA LEU B 183 -4.36 -7.16 -31.86
C LEU B 183 -2.95 -7.00 -32.47
N GLY B 184 -2.36 -8.00 -33.10
CA GLY B 184 -0.93 -7.88 -33.50
C GLY B 184 -0.76 -6.80 -34.56
N HIS B 185 -1.81 -6.43 -35.31
CA HIS B 185 -1.80 -5.35 -36.35
C HIS B 185 -1.21 -4.06 -35.73
N ALA B 186 -1.29 -3.93 -34.41
CA ALA B 186 -1.15 -2.64 -33.66
C ALA B 186 0.28 -2.13 -33.72
N HIS B 187 1.28 -3.02 -33.79
CA HIS B 187 2.71 -2.61 -33.73
C HIS B 187 3.54 -3.81 -34.15
N ALA B 188 4.15 -3.74 -35.32
CA ALA B 188 4.75 -4.93 -35.97
C ALA B 188 5.86 -5.55 -35.10
N ALA B 189 6.81 -4.75 -34.61
CA ALA B 189 7.88 -5.32 -33.76
C ALA B 189 7.26 -6.00 -32.52
N THR B 190 6.28 -5.39 -31.87
CA THR B 190 5.74 -5.92 -30.59
C THR B 190 4.99 -7.23 -30.85
N ALA B 191 4.31 -7.33 -31.98
CA ALA B 191 3.61 -8.55 -32.45
C ALA B 191 4.64 -9.68 -32.60
N ARG B 192 5.75 -9.40 -33.28
CA ARG B 192 6.89 -10.38 -33.41
C ARG B 192 7.37 -10.85 -32.02
N ARG B 193 7.52 -9.94 -31.06
CA ARG B 193 7.95 -10.31 -29.69
C ARG B 193 6.87 -11.19 -29.03
N LEU B 194 5.58 -10.87 -29.20
CA LEU B 194 4.53 -11.68 -28.57
C LEU B 194 4.54 -13.09 -29.18
N ARG B 195 4.77 -13.21 -30.48
N ARG B 195 4.76 -13.20 -30.49
CA ARG B 195 4.83 -14.55 -31.13
CA ARG B 195 4.86 -14.50 -31.20
C ARG B 195 6.00 -15.34 -30.50
C ARG B 195 5.99 -15.32 -30.53
N GLU B 196 7.14 -14.71 -30.32
CA GLU B 196 8.33 -15.36 -29.68
C GLU B 196 7.95 -15.77 -28.25
N LYS B 197 7.32 -14.89 -27.47
CA LYS B 197 6.90 -15.25 -26.08
C LYS B 197 5.92 -16.44 -26.10
N ILE B 198 5.02 -16.45 -27.07
CA ILE B 198 4.01 -17.56 -27.28
C ILE B 198 4.74 -18.87 -27.61
N GLU B 199 5.66 -18.85 -28.57
CA GLU B 199 6.44 -20.07 -28.94
C GLU B 199 7.25 -20.55 -27.70
N HIS B 200 7.83 -19.63 -26.92
N HIS B 200 7.84 -19.64 -26.93
CA HIS B 200 8.69 -19.94 -25.72
CA HIS B 200 8.71 -20.00 -25.77
C HIS B 200 7.81 -20.58 -24.63
C HIS B 200 7.85 -20.49 -24.58
N TYR B 201 6.58 -20.08 -24.50
CA TYR B 201 5.63 -20.48 -23.41
C TYR B 201 5.17 -21.95 -23.62
N ARG B 202 5.21 -22.43 -24.86
CA ARG B 202 4.74 -23.79 -25.26
C ARG B 202 5.45 -24.87 -24.43
N GLN B 203 6.70 -24.59 -24.05
CA GLN B 203 7.55 -25.51 -23.27
C GLN B 203 6.88 -25.88 -21.93
N TYR B 204 6.05 -25.03 -21.30
CA TYR B 204 5.56 -25.30 -19.91
C TYR B 204 4.34 -26.25 -19.86
N TYR B 205 4.00 -26.94 -20.96
CA TYR B 205 2.85 -27.88 -20.97
C TYR B 205 2.96 -28.87 -22.14
N THR C 29 20.53 11.22 40.66
CA THR C 29 20.39 12.13 39.50
C THR C 29 18.96 12.72 39.53
N HIS C 30 18.85 14.02 39.37
CA HIS C 30 17.57 14.78 39.45
C HIS C 30 16.74 14.46 38.22
N LEU C 31 15.42 14.34 38.41
CA LEU C 31 14.48 14.09 37.28
C LEU C 31 14.75 15.07 36.13
N ALA C 32 15.02 16.36 36.41
CA ALA C 32 15.18 17.33 35.31
C ALA C 32 16.52 17.13 34.61
N ASP C 33 17.55 16.60 35.30
CA ASP C 33 18.85 16.28 34.65
C ASP C 33 18.67 15.07 33.69
N HIS C 34 17.90 14.08 34.11
CA HIS C 34 17.51 12.97 33.18
C HIS C 34 16.77 13.51 31.93
N TYR C 35 15.80 14.43 32.12
CA TYR C 35 15.06 15.06 30.99
C TYR C 35 16.07 15.74 30.08
N ASN C 36 16.90 16.63 30.65
CA ASN C 36 17.83 17.45 29.82
C ASN C 36 18.74 16.55 28.95
N GLN C 37 19.30 15.48 29.52
CA GLN C 37 20.22 14.58 28.76
C GLN C 37 19.48 14.03 27.52
N ALA C 38 18.26 13.55 27.73
CA ALA C 38 17.45 12.92 26.67
C ALA C 38 16.97 13.97 25.68
N TRP C 39 16.57 15.15 26.21
CA TRP C 39 16.02 16.28 25.42
C TRP C 39 17.07 16.83 24.43
N LEU C 40 18.31 17.02 24.91
CA LEU C 40 19.38 17.59 24.06
C LEU C 40 19.77 16.55 23.01
N PHE C 41 19.79 15.27 23.41
CA PHE C 41 20.09 14.14 22.49
C PHE C 41 19.05 14.11 21.36
N ALA C 42 17.77 14.25 21.72
CA ALA C 42 16.62 14.20 20.79
C ALA C 42 16.62 15.43 19.89
N ALA C 43 16.88 16.65 20.43
CA ALA C 43 16.92 17.87 19.59
C ALA C 43 17.95 17.70 18.48
N ARG C 44 19.09 17.09 18.80
CA ARG C 44 20.19 16.86 17.81
C ARG C 44 19.71 15.79 16.81
N ALA C 45 19.27 14.63 17.31
CA ALA C 45 18.86 13.49 16.43
C ALA C 45 17.81 13.92 15.39
N HIS C 46 16.80 14.65 15.87
CA HIS C 46 15.64 15.14 15.08
C HIS C 46 15.90 16.52 14.43
N ARG C 47 17.15 17.03 14.42
CA ARG C 47 17.43 18.44 14.02
C ARG C 47 16.92 18.76 12.60
N ASN C 48 16.83 17.82 11.65
CA ASN C 48 16.32 18.26 10.33
C ASN C 48 14.84 17.94 10.10
N GLN C 49 14.10 17.60 11.16
CA GLN C 49 12.75 16.96 11.03
C GLN C 49 11.70 17.94 11.55
N THR C 50 10.63 18.08 10.78
CA THR C 50 9.44 18.89 11.15
C THR C 50 8.29 17.94 11.53
N LEU C 51 7.25 18.48 12.13
CA LEU C 51 5.93 17.83 12.15
C LEU C 51 5.54 17.62 10.67
N SER C 52 4.90 16.52 10.33
CA SER C 52 4.50 16.24 8.92
C SER C 52 3.61 17.40 8.42
N GLY C 53 4.08 18.12 7.38
CA GLY C 53 3.37 19.18 6.66
C GLY C 53 3.47 20.55 7.34
N SER C 54 4.21 20.69 8.43
CA SER C 54 4.35 21.95 9.20
C SER C 54 5.80 22.43 9.14
N PRO C 55 6.04 23.75 9.21
CA PRO C 55 7.40 24.24 9.39
C PRO C 55 7.88 23.96 10.82
N LEU C 56 6.99 23.66 11.77
CA LEU C 56 7.39 23.52 13.20
C LEU C 56 8.29 22.28 13.38
N PRO C 57 9.31 22.38 14.26
CA PRO C 57 10.16 21.23 14.53
C PRO C 57 9.42 20.04 15.18
N TYR C 58 9.92 18.86 14.85
CA TYR C 58 9.44 17.61 15.45
C TYR C 58 9.52 17.65 16.97
N LEU C 59 10.46 18.45 17.50
CA LEU C 59 10.61 18.61 18.96
C LEU C 59 9.25 18.99 19.62
N VAL C 60 8.40 19.72 18.91
CA VAL C 60 7.04 20.12 19.40
C VAL C 60 6.30 18.89 19.92
N HIS C 61 6.29 17.79 19.14
CA HIS C 61 5.60 16.55 19.54
C HIS C 61 6.24 15.98 20.82
N LEU C 62 7.56 15.91 20.84
CA LEU C 62 8.27 15.23 21.95
C LEU C 62 8.02 15.96 23.25
N GLY C 63 8.01 17.30 23.20
CA GLY C 63 7.71 18.10 24.39
C GLY C 63 6.37 17.73 24.98
N MET C 64 5.36 17.59 24.13
CA MET C 64 3.99 17.28 24.61
C MET C 64 3.93 15.85 25.18
N VAL C 65 4.59 14.88 24.53
CA VAL C 65 4.60 13.48 25.08
C VAL C 65 5.29 13.43 26.44
N ALA C 66 6.46 14.06 26.58
CA ALA C 66 7.23 14.01 27.83
C ALA C 66 6.44 14.70 28.94
N ASN C 67 5.81 15.85 28.60
CA ASN C 67 4.98 16.59 29.57
C ASN C 67 3.79 15.70 30.04
N GLU C 68 3.08 15.04 29.11
CA GLU C 68 1.98 14.10 29.47
C GLU C 68 2.50 13.03 30.43
N LEU C 69 3.73 12.51 30.16
CA LEU C 69 4.28 11.44 31.02
C LEU C 69 4.53 12.00 32.43
N LEU C 70 5.20 13.15 32.56
CA LEU C 70 5.52 13.68 33.91
C LEU C 70 4.21 14.03 34.64
N ALA C 71 3.24 14.62 33.95
CA ALA C 71 1.88 14.90 34.50
C ALA C 71 1.18 13.64 35.03
N ALA C 72 1.34 12.51 34.31
CA ALA C 72 0.71 11.22 34.67
C ALA C 72 1.17 10.78 36.06
N ASP C 73 2.46 10.98 36.39
CA ASP C 73 3.03 10.58 37.71
C ASP C 73 2.26 11.20 38.88
N ARG C 74 1.78 12.44 38.73
CA ARG C 74 0.97 13.14 39.78
C ARG C 74 -0.28 12.30 40.13
N ASP C 75 -0.82 11.53 39.20
CA ASP C 75 -2.11 10.82 39.36
C ASP C 75 -1.88 9.31 39.52
N GLY C 76 -0.72 8.88 40.01
CA GLY C 76 -0.35 7.45 40.14
C GLY C 76 1.16 7.29 39.89
N ALA C 77 1.94 7.19 40.97
CA ALA C 77 3.41 7.27 40.89
C ALA C 77 3.94 6.13 39.98
N ILE C 78 4.88 6.46 39.12
CA ILE C 78 5.52 5.60 38.09
C ILE C 78 6.85 5.13 38.67
N GLU C 79 7.16 3.83 38.60
CA GLU C 79 8.51 3.32 38.95
C GLU C 79 9.48 3.72 37.84
N ARG C 80 10.73 4.05 38.21
CA ARG C 80 11.79 4.42 37.23
C ARG C 80 11.28 5.62 36.41
N LEU C 81 10.80 6.64 37.12
CA LEU C 81 10.21 7.84 36.49
C LEU C 81 11.26 8.52 35.61
N GLY C 82 12.49 8.69 36.08
CA GLY C 82 13.50 9.42 35.31
C GLY C 82 13.75 8.76 33.97
N GLU C 83 13.98 7.44 33.98
CA GLU C 83 14.24 6.71 32.70
C GLU C 83 12.97 6.74 31.82
N THR C 84 11.80 6.60 32.43
CA THR C 84 10.51 6.62 31.66
C THR C 84 10.32 7.96 30.98
N LEU C 85 10.62 9.07 31.67
CA LEU C 85 10.58 10.40 31.01
C LEU C 85 11.56 10.42 29.85
N GLN C 86 12.77 9.90 30.00
CA GLN C 86 13.74 9.86 28.86
C GLN C 86 13.15 9.01 27.71
N ILE C 87 12.52 7.90 28.02
CA ILE C 87 11.88 7.08 26.94
C ILE C 87 10.82 7.91 26.19
N ALA C 88 10.11 8.75 26.92
CA ALA C 88 9.05 9.57 26.26
C ALA C 88 9.70 10.60 25.33
N VAL C 89 10.84 11.17 25.75
CA VAL C 89 11.58 12.11 24.87
C VAL C 89 12.15 11.41 23.63
N LEU C 90 12.68 10.18 23.82
CA LEU C 90 13.55 9.49 22.84
C LEU C 90 12.74 8.49 21.98
N HIS C 91 11.42 8.41 22.19
CA HIS C 91 10.60 7.26 21.71
C HIS C 91 10.64 7.17 20.18
N ASP C 92 10.93 8.24 19.45
CA ASP C 92 10.95 8.23 17.96
C ASP C 92 12.37 8.25 17.39
N THR C 93 13.43 8.12 18.20
CA THR C 93 14.84 8.25 17.68
C THR C 93 15.19 7.07 16.74
N LEU C 94 14.81 5.85 17.12
CA LEU C 94 15.19 4.65 16.30
C LEU C 94 14.39 4.64 14.98
N GLN C 95 13.12 5.12 14.98
CA GLN C 95 12.25 5.18 13.76
C GLN C 95 12.78 6.19 12.74
N ASP C 96 13.09 7.42 13.20
CA ASP C 96 13.14 8.63 12.33
C ASP C 96 14.58 9.19 12.21
N THR C 97 15.55 8.73 13.01
CA THR C 97 16.86 9.42 13.10
C THR C 97 18.04 8.46 12.89
N ALA C 98 19.26 9.01 12.83
CA ALA C 98 20.52 8.26 12.60
C ALA C 98 20.87 7.47 13.86
N THR C 99 20.08 7.57 14.93
CA THR C 99 20.37 6.96 16.25
C THR C 99 20.42 5.44 16.14
N SER C 100 21.36 4.81 16.85
CA SER C 100 21.54 3.33 16.93
C SER C 100 21.14 2.85 18.31
N PRO C 101 20.70 1.59 18.46
CA PRO C 101 20.45 1.06 19.79
C PRO C 101 21.67 1.11 20.70
N GLU C 102 22.86 0.88 20.11
CA GLU C 102 24.15 0.85 20.87
CA GLU C 102 24.11 0.83 20.92
C GLU C 102 24.31 2.21 21.57
N GLU C 103 24.11 3.30 20.84
CA GLU C 103 24.23 4.71 21.36
C GLU C 103 23.27 4.91 22.54
N LEU C 104 22.00 4.50 22.35
CA LEU C 104 20.95 4.64 23.40
C LEU C 104 21.36 3.81 24.63
N ARG C 105 21.81 2.56 24.44
CA ARG C 105 22.24 1.66 25.55
C ARG C 105 23.42 2.34 26.27
N GLN C 106 24.41 2.85 25.52
CA GLN C 106 25.68 3.36 26.13
C GLN C 106 25.39 4.63 26.91
N GLN C 107 24.55 5.50 26.39
CA GLN C 107 24.29 6.83 27.01
C GLN C 107 23.13 6.80 28.02
N PHE C 108 22.07 6.00 27.83
CA PHE C 108 20.87 6.03 28.71
C PHE C 108 20.64 4.73 29.49
N GLY C 109 21.30 3.63 29.13
CA GLY C 109 21.07 2.34 29.81
C GLY C 109 20.13 1.41 29.02
N GLU C 110 20.14 0.11 29.38
CA GLU C 110 19.40 -0.97 28.68
C GLU C 110 17.89 -0.73 28.84
N PHE C 111 17.42 -0.28 30.01
CA PHE C 111 15.97 -0.06 30.25
C PHE C 111 15.45 1.02 29.26
N VAL C 112 16.17 2.10 29.07
CA VAL C 112 15.74 3.17 28.11
C VAL C 112 15.82 2.61 26.69
N CYS C 113 16.93 2.03 26.29
CA CYS C 113 17.10 1.46 24.91
C CYS C 113 15.92 0.52 24.57
N ALA C 114 15.67 -0.46 25.43
CA ALA C 114 14.57 -1.45 25.27
C ALA C 114 13.20 -0.77 25.20
N GLY C 115 12.99 0.33 25.95
CA GLY C 115 11.75 1.14 25.84
C GLY C 115 11.58 1.77 24.45
N VAL C 116 12.66 2.37 23.93
CA VAL C 116 12.63 2.98 22.58
C VAL C 116 12.41 1.88 21.54
N GLN C 117 13.08 0.75 21.69
CA GLN C 117 12.82 -0.41 20.80
C GLN C 117 11.35 -0.85 20.87
N ALA C 118 10.77 -1.10 22.04
CA ALA C 118 9.34 -1.52 22.18
C ALA C 118 8.40 -0.54 21.48
N LEU C 119 8.70 0.75 21.50
CA LEU C 119 7.82 1.80 20.92
C LEU C 119 8.11 2.02 19.41
N SER C 120 9.13 1.39 18.82
CA SER C 120 9.47 1.61 17.40
C SER C 120 8.68 0.58 16.60
N LYS C 121 7.68 1.02 15.84
CA LYS C 121 6.89 0.11 14.99
C LYS C 121 7.75 -0.26 13.79
N ARG C 122 8.77 0.57 13.42
CA ARG C 122 9.78 0.35 12.36
C ARG C 122 11.05 1.04 12.77
N VAL C 123 12.16 0.59 12.17
CA VAL C 123 13.48 1.29 12.19
C VAL C 123 13.80 1.79 10.77
N GLY C 124 13.86 3.11 10.58
CA GLY C 124 14.00 3.74 9.26
C GLY C 124 13.02 3.21 8.21
N ASP C 125 13.52 2.96 7.00
CA ASP C 125 12.72 2.52 5.83
C ASP C 125 12.54 1.00 5.88
N GLY C 126 12.65 0.39 7.06
CA GLY C 126 12.43 -1.05 7.25
C GLY C 126 10.94 -1.37 7.27
N PRO C 127 10.61 -2.67 7.36
CA PRO C 127 9.21 -3.07 7.46
C PRO C 127 8.65 -2.68 8.84
N LYS C 128 7.45 -2.06 8.84
CA LYS C 128 6.59 -1.87 10.05
C LYS C 128 6.23 -3.23 10.67
N ARG C 129 6.26 -3.34 11.98
CA ARG C 129 5.56 -4.41 12.70
C ARG C 129 4.05 -4.14 12.59
N SER C 130 3.27 -5.22 12.53
CA SER C 130 1.78 -5.18 12.56
C SER C 130 1.35 -4.53 13.87
N LEU C 131 0.18 -3.87 13.87
CA LEU C 131 -0.32 -3.27 15.12
C LEU C 131 -0.50 -4.38 16.18
N ASP C 132 -1.10 -5.51 15.81
CA ASP C 132 -1.31 -6.62 16.78
C ASP C 132 0.02 -6.99 17.48
N ASP C 133 1.08 -7.17 16.70
CA ASP C 133 2.42 -7.56 17.21
C ASP C 133 2.95 -6.43 18.12
N TYR C 134 2.91 -5.24 17.59
CA TYR C 134 3.36 -4.01 18.30
C TYR C 134 2.70 -3.89 19.68
N LEU C 135 1.36 -3.88 19.71
CA LEU C 135 0.62 -3.68 20.96
C LEU C 135 0.76 -4.88 21.87
N GLN C 136 0.75 -6.11 21.33
CA GLN C 136 0.95 -7.30 22.17
C GLN C 136 2.27 -7.14 22.95
N ALA C 137 3.37 -6.78 22.27
CA ALA C 137 4.71 -6.75 22.91
C ALA C 137 4.72 -5.63 23.96
N LEU C 138 4.02 -4.53 23.70
CA LEU C 138 3.93 -3.43 24.71
C LEU C 138 3.10 -3.86 25.94
N ALA C 139 2.04 -4.64 25.73
CA ALA C 139 1.12 -5.09 26.80
C ALA C 139 1.82 -6.04 27.74
N GLU C 140 2.71 -6.91 27.19
CA GLU C 140 3.34 -8.00 27.97
C GLU C 140 4.66 -7.53 28.54
N GLY C 141 5.18 -6.41 28.04
CA GLY C 141 6.47 -5.87 28.54
C GLY C 141 6.28 -4.92 29.73
N PRO C 142 7.36 -4.22 30.12
CA PRO C 142 7.28 -3.26 31.21
C PRO C 142 6.15 -2.23 31.02
N ALA C 143 5.31 -2.07 32.06
CA ALA C 143 4.13 -1.17 32.02
C ALA C 143 4.55 0.28 31.70
N GLN C 144 5.77 0.69 32.03
CA GLN C 144 6.22 2.07 31.70
C GLN C 144 6.24 2.30 30.20
N TYR C 145 6.61 1.31 29.37
CA TYR C 145 6.69 1.55 27.92
C TYR C 145 5.27 1.71 27.37
N ALA C 146 4.34 0.90 27.86
CA ALA C 146 2.90 0.96 27.51
C ALA C 146 2.35 2.33 27.92
N LEU C 147 2.77 2.80 29.10
CA LEU C 147 2.32 4.15 29.59
C LEU C 147 2.79 5.26 28.62
N VAL C 148 4.01 5.20 28.12
CA VAL C 148 4.51 6.21 27.14
C VAL C 148 3.66 6.13 25.88
N LYS C 149 3.30 4.94 25.43
CA LYS C 149 2.43 4.86 24.23
C LYS C 149 1.06 5.53 24.51
N LEU C 150 0.46 5.29 25.65
CA LEU C 150 -0.82 6.01 25.96
C LEU C 150 -0.57 7.55 25.86
N CYS C 151 0.58 8.05 26.40
CA CYS C 151 0.87 9.50 26.36
C CYS C 151 1.09 9.96 24.92
N ASP C 152 1.76 9.14 24.10
CA ASP C 152 1.91 9.40 22.66
C ASP C 152 0.51 9.53 22.00
N ARG C 153 -0.38 8.55 22.15
CA ARG C 153 -1.71 8.63 21.47
C ARG C 153 -2.53 9.85 22.00
N ILE C 154 -2.56 10.08 23.31
CA ILE C 154 -3.15 11.30 23.90
C ILE C 154 -2.68 12.54 23.11
N THR C 155 -1.37 12.68 22.90
CA THR C 155 -0.80 13.85 22.19
C THR C 155 -1.29 13.88 20.74
N ASN C 156 -1.42 12.73 20.09
CA ASN C 156 -1.75 12.67 18.65
C ASN C 156 -3.28 12.82 18.46
N LEU C 157 -4.10 12.90 19.52
CA LEU C 157 -5.57 13.21 19.40
C LEU C 157 -5.86 14.70 19.63
N GLN C 158 -4.95 15.55 19.25
CA GLN C 158 -5.29 16.96 19.05
C GLN C 158 -5.99 17.06 17.70
N PRO C 159 -6.59 18.23 17.39
CA PRO C 159 -7.34 18.40 16.15
C PRO C 159 -6.54 17.98 14.94
N PRO C 160 -7.15 17.24 14.02
CA PRO C 160 -6.40 16.61 12.94
C PRO C 160 -5.95 17.68 11.95
N PRO C 161 -4.79 17.48 11.29
CA PRO C 161 -4.30 18.48 10.35
C PRO C 161 -5.34 18.67 9.24
N GLN C 162 -5.43 19.90 8.72
CA GLN C 162 -6.40 20.37 7.70
C GLN C 162 -6.46 19.40 6.53
N THR C 163 -5.36 18.66 6.28
CA THR C 163 -5.15 17.82 5.08
C THR C 163 -5.76 16.41 5.27
N TRP C 164 -6.14 16.01 6.47
CA TRP C 164 -6.67 14.64 6.70
C TRP C 164 -8.11 14.56 6.21
N ASN C 165 -8.44 13.56 5.37
CA ASN C 165 -9.82 13.32 4.87
C ASN C 165 -10.64 12.65 5.99
N GLN C 166 -11.96 12.56 5.77
CA GLN C 166 -12.94 12.02 6.74
C GLN C 166 -12.55 10.58 7.12
N ASP C 167 -12.18 9.75 6.12
CA ASP C 167 -11.81 8.31 6.26
C ASP C 167 -10.61 8.20 7.21
N LYS C 168 -9.60 9.04 6.99
CA LYS C 168 -8.30 9.01 7.72
C LYS C 168 -8.55 9.38 9.19
N ILE C 169 -9.40 10.38 9.44
CA ILE C 169 -9.81 10.79 10.82
C ILE C 169 -10.55 9.61 11.46
N ALA C 170 -11.51 9.01 10.74
CA ALA C 170 -12.34 7.90 11.25
C ALA C 170 -11.42 6.73 11.66
N ASN C 171 -10.53 6.31 10.76
N ASN C 171 -10.53 6.28 10.77
CA ASN C 171 -9.61 5.15 11.00
CA ASN C 171 -9.61 5.13 11.02
C ASN C 171 -8.68 5.46 12.17
C ASN C 171 -8.70 5.47 12.20
N TYR C 172 -8.23 6.72 12.32
CA TYR C 172 -7.29 7.07 13.41
C TYR C 172 -8.04 6.96 14.74
N HIS C 173 -9.30 7.38 14.75
CA HIS C 173 -10.21 7.25 15.91
C HIS C 173 -10.36 5.76 16.32
N GLN C 174 -10.57 4.87 15.35
N GLN C 174 -10.60 4.90 15.32
CA GLN C 174 -10.80 3.43 15.65
CA GLN C 174 -10.77 3.42 15.49
C GLN C 174 -9.47 2.78 16.08
C GLN C 174 -9.46 2.83 16.08
N GLU C 175 -8.34 3.13 15.45
CA GLU C 175 -6.99 2.64 15.90
C GLU C 175 -6.75 3.08 17.36
N SER C 176 -7.16 4.30 17.73
CA SER C 176 -7.05 4.83 19.11
C SER C 176 -7.82 3.95 20.11
N GLN C 177 -9.02 3.47 19.72
CA GLN C 177 -9.85 2.57 20.58
C GLN C 177 -9.06 1.27 20.86
N LEU C 178 -8.31 0.77 19.88
CA LEU C 178 -7.54 -0.51 19.99
C LEU C 178 -6.37 -0.30 20.97
N ILE C 179 -5.76 0.89 20.92
CA ILE C 179 -4.60 1.22 21.81
C ILE C 179 -5.11 1.29 23.26
N LEU C 180 -6.26 1.90 23.48
CA LEU C 180 -6.83 1.98 24.83
C LEU C 180 -7.14 0.58 25.34
N ALA C 181 -7.78 -0.26 24.51
CA ALA C 181 -8.19 -1.63 24.91
C ALA C 181 -6.94 -2.45 25.28
N ARG C 182 -5.86 -2.34 24.49
CA ARG C 182 -4.66 -3.25 24.54
C ARG C 182 -3.67 -2.78 25.60
N LEU C 183 -3.61 -1.47 25.86
CA LEU C 183 -2.57 -0.86 26.75
C LEU C 183 -3.15 -0.08 27.95
N GLY C 184 -4.45 0.12 28.04
CA GLY C 184 -5.04 0.97 29.09
C GLY C 184 -4.78 0.44 30.49
N HIS C 185 -4.46 -0.84 30.62
CA HIS C 185 -4.10 -1.47 31.91
C HIS C 185 -2.91 -0.76 32.60
N ALA C 186 -2.05 -0.14 31.79
CA ALA C 186 -0.68 0.34 32.18
C ALA C 186 -0.78 1.38 33.30
N HIS C 187 -1.76 2.27 33.24
CA HIS C 187 -1.88 3.41 34.18
C HIS C 187 -3.34 3.89 34.22
N ALA C 188 -4.06 3.70 35.30
CA ALA C 188 -5.54 3.93 35.33
C ALA C 188 -5.88 5.39 34.98
N ALA C 189 -5.19 6.35 35.56
CA ALA C 189 -5.50 7.80 35.33
C ALA C 189 -5.26 8.15 33.87
N THR C 190 -4.19 7.63 33.27
CA THR C 190 -3.83 7.97 31.88
C THR C 190 -4.83 7.29 30.92
N ALA C 191 -5.24 6.07 31.22
CA ALA C 191 -6.30 5.36 30.44
C ALA C 191 -7.58 6.21 30.43
N ARG C 192 -7.99 6.76 31.58
CA ARG C 192 -9.23 7.60 31.70
C ARG C 192 -9.06 8.84 30.83
N ARG C 193 -7.84 9.39 30.80
CA ARG C 193 -7.52 10.55 29.95
C ARG C 193 -7.56 10.16 28.47
N LEU C 194 -7.09 8.97 28.09
CA LEU C 194 -7.09 8.64 26.65
C LEU C 194 -8.56 8.46 26.19
N ARG C 195 -9.38 7.83 27.03
CA ARG C 195 -10.83 7.60 26.78
CA ARG C 195 -10.82 7.60 26.71
C ARG C 195 -11.51 8.95 26.53
N GLU C 196 -11.25 9.91 27.41
CA GLU C 196 -11.82 11.26 27.26
C GLU C 196 -11.32 11.87 25.92
N LYS C 197 -10.03 11.79 25.59
CA LYS C 197 -9.49 12.27 24.29
C LYS C 197 -10.18 11.56 23.10
N ILE C 198 -10.40 10.25 23.19
CA ILE C 198 -11.07 9.49 22.10
C ILE C 198 -12.50 10.01 21.95
N GLU C 199 -13.22 10.22 23.05
CA GLU C 199 -14.63 10.70 23.02
C GLU C 199 -14.66 12.12 22.43
N HIS C 200 -13.67 12.98 22.76
CA HIS C 200 -13.53 14.36 22.20
C HIS C 200 -13.23 14.32 20.68
N TYR C 201 -12.46 13.34 20.21
CA TYR C 201 -11.95 13.28 18.82
C TYR C 201 -13.09 12.94 17.86
N ARG C 202 -14.13 12.28 18.40
CA ARG C 202 -15.30 11.80 17.61
C ARG C 202 -15.96 12.99 16.90
N GLN C 203 -15.86 14.21 17.47
CA GLN C 203 -16.42 15.45 16.87
C GLN C 203 -15.81 15.74 15.50
N TYR C 204 -14.60 15.26 15.17
CA TYR C 204 -13.89 15.66 13.91
C TYR C 204 -14.31 14.79 12.69
N TYR C 205 -15.29 13.89 12.82
CA TYR C 205 -15.80 13.12 11.66
C TYR C 205 -17.26 12.67 11.89
N THR D 29 19.75 -10.35 -26.97
CA THR D 29 18.64 -10.52 -26.03
C THR D 29 17.93 -9.15 -25.85
N HIS D 30 16.63 -9.19 -25.76
CA HIS D 30 15.78 -7.98 -25.88
C HIS D 30 16.03 -7.05 -24.68
N LEU D 31 15.99 -5.75 -24.92
CA LEU D 31 16.07 -4.74 -23.83
C LEU D 31 15.08 -5.04 -22.69
N ALA D 32 13.83 -5.43 -22.99
CA ALA D 32 12.84 -5.69 -21.93
C ALA D 32 13.15 -6.95 -21.15
N ASP D 33 13.80 -7.96 -21.75
CA ASP D 33 14.25 -9.16 -20.99
C ASP D 33 15.43 -8.78 -20.06
N HIS D 34 16.35 -7.93 -20.49
CA HIS D 34 17.38 -7.34 -19.56
C HIS D 34 16.70 -6.67 -18.35
N TYR D 35 15.73 -5.73 -18.59
CA TYR D 35 14.95 -5.08 -17.50
C TYR D 35 14.35 -6.12 -16.57
N ASN D 36 13.59 -7.06 -17.13
CA ASN D 36 12.80 -7.97 -16.27
C ASN D 36 13.71 -8.77 -15.33
N GLN D 37 14.85 -9.25 -15.82
CA GLN D 37 15.77 -10.05 -14.98
C GLN D 37 16.22 -9.23 -13.76
N ALA D 38 16.67 -8.03 -14.02
CA ALA D 38 17.12 -7.06 -12.98
C ALA D 38 15.95 -6.65 -12.09
N TRP D 39 14.79 -6.36 -12.70
CA TRP D 39 13.59 -5.89 -11.95
C TRP D 39 13.12 -6.96 -10.95
N LEU D 40 12.95 -8.20 -11.39
CA LEU D 40 12.50 -9.29 -10.45
C LEU D 40 13.54 -9.53 -9.37
N PHE D 41 14.83 -9.42 -9.72
CA PHE D 41 15.94 -9.54 -8.73
C PHE D 41 15.79 -8.42 -7.67
N ALA D 42 15.63 -7.17 -8.11
CA ALA D 42 15.53 -5.99 -7.22
C ALA D 42 14.26 -6.05 -6.36
N ALA D 43 13.10 -6.47 -6.90
CA ALA D 43 11.84 -6.56 -6.11
C ALA D 43 12.03 -7.53 -4.92
N ARG D 44 12.68 -8.66 -5.15
CA ARG D 44 12.95 -9.61 -4.05
C ARG D 44 13.97 -8.95 -3.09
N ALA D 45 15.06 -8.42 -3.61
CA ALA D 45 16.20 -7.91 -2.78
C ALA D 45 15.69 -6.82 -1.84
N HIS D 46 14.86 -5.91 -2.38
CA HIS D 46 14.33 -4.71 -1.68
C HIS D 46 12.94 -4.98 -1.05
N ARG D 47 12.51 -6.25 -0.90
CA ARG D 47 11.16 -6.58 -0.41
C ARG D 47 10.84 -6.00 0.98
N ASN D 48 11.81 -5.70 1.83
CA ASN D 48 11.47 -5.22 3.20
C ASN D 48 11.77 -3.72 3.29
N GLN D 49 11.84 -3.07 2.14
CA GLN D 49 12.26 -1.65 2.07
C GLN D 49 11.14 -0.78 1.51
N THR D 50 10.96 0.36 2.14
CA THR D 50 10.02 1.43 1.69
C THR D 50 10.82 2.63 1.20
N LEU D 51 10.15 3.51 0.45
CA LEU D 51 10.55 4.93 0.25
C LEU D 51 10.74 5.57 1.63
N SER D 52 11.56 6.62 1.68
CA SER D 52 11.69 7.48 2.88
C SER D 52 10.33 8.06 3.29
N GLY D 53 10.02 7.87 4.62
CA GLY D 53 8.82 8.42 5.32
C GLY D 53 7.52 8.13 4.58
N SER D 54 7.51 7.10 3.73
CA SER D 54 6.32 6.65 2.97
C SER D 54 6.19 5.15 3.13
N PRO D 55 4.95 4.66 3.18
CA PRO D 55 4.70 3.23 3.29
C PRO D 55 4.92 2.51 1.95
N LEU D 56 5.09 3.24 0.85
CA LEU D 56 5.15 2.64 -0.49
C LEU D 56 6.49 1.93 -0.66
N PRO D 57 6.53 0.88 -1.50
CA PRO D 57 7.73 0.05 -1.64
C PRO D 57 8.87 0.82 -2.28
N TYR D 58 10.09 0.53 -1.86
CA TYR D 58 11.29 1.19 -2.42
C TYR D 58 11.31 1.00 -3.93
N LEU D 59 10.76 -0.11 -4.41
CA LEU D 59 10.64 -0.35 -5.86
C LEU D 59 10.06 0.87 -6.60
N VAL D 60 9.24 1.71 -5.95
CA VAL D 60 8.71 2.95 -6.61
C VAL D 60 9.90 3.76 -7.09
N HIS D 61 10.91 3.93 -6.23
CA HIS D 61 12.12 4.73 -6.60
C HIS D 61 12.81 4.14 -7.83
N LEU D 62 12.98 2.82 -7.83
CA LEU D 62 13.79 2.14 -8.89
C LEU D 62 13.07 2.22 -10.23
N GLY D 63 11.75 2.12 -10.24
CA GLY D 63 11.03 2.25 -11.50
C GLY D 63 11.27 3.59 -12.14
N MET D 64 11.24 4.67 -11.33
CA MET D 64 11.47 6.01 -11.90
C MET D 64 12.92 6.13 -12.42
N VAL D 65 13.91 5.61 -11.69
CA VAL D 65 15.33 5.76 -12.15
C VAL D 65 15.53 5.01 -13.46
N ALA D 66 15.01 3.78 -13.54
CA ALA D 66 15.15 2.95 -14.75
C ALA D 66 14.43 3.62 -15.93
N ASN D 67 13.24 4.21 -15.68
CA ASN D 67 12.48 4.88 -16.77
C ASN D 67 13.29 6.08 -17.26
N GLU D 68 13.89 6.89 -16.34
CA GLU D 68 14.70 8.07 -16.76
C GLU D 68 15.84 7.60 -17.65
N LEU D 69 16.45 6.45 -17.27
CA LEU D 69 17.60 5.97 -18.03
C LEU D 69 17.18 5.60 -19.45
N LEU D 70 16.09 4.86 -19.59
CA LEU D 70 15.62 4.44 -20.93
C LEU D 70 15.17 5.67 -21.71
N ALA D 71 14.48 6.62 -21.08
CA ALA D 71 14.09 7.88 -21.77
C ALA D 71 15.32 8.66 -22.26
N ALA D 72 16.45 8.65 -21.50
CA ALA D 72 17.70 9.41 -21.83
C ALA D 72 18.26 8.93 -23.17
N ASP D 73 18.22 7.63 -23.39
CA ASP D 73 18.63 7.01 -24.68
C ASP D 73 18.00 7.71 -25.92
N ARG D 74 16.71 8.11 -25.87
CA ARG D 74 16.02 8.78 -27.02
C ARG D 74 16.74 10.09 -27.39
N ASP D 75 17.34 10.76 -26.41
CA ASP D 75 18.02 12.08 -26.58
C ASP D 75 19.55 11.93 -26.63
N GLY D 76 20.08 10.75 -26.90
CA GLY D 76 21.55 10.55 -27.02
C GLY D 76 21.85 9.08 -26.77
N ALA D 77 22.06 8.33 -27.83
CA ALA D 77 22.12 6.86 -27.70
C ALA D 77 23.24 6.47 -26.72
N ILE D 78 23.00 5.43 -25.92
CA ILE D 78 23.84 4.93 -24.78
C ILE D 78 24.43 3.59 -25.25
N GLU D 79 25.75 3.40 -25.16
CA GLU D 79 26.39 2.06 -25.41
C GLU D 79 26.02 1.14 -24.25
N ARG D 80 25.80 -0.15 -24.56
CA ARG D 80 25.49 -1.16 -23.52
C ARG D 80 24.21 -0.74 -22.78
N LEU D 81 23.22 -0.39 -23.57
CA LEU D 81 21.94 0.17 -23.02
C LEU D 81 21.31 -0.88 -22.11
N GLY D 82 21.27 -2.14 -22.52
CA GLY D 82 20.61 -3.17 -21.68
C GLY D 82 21.21 -3.31 -20.31
N GLU D 83 22.55 -3.45 -20.26
CA GLU D 83 23.28 -3.58 -18.97
C GLU D 83 23.08 -2.29 -18.15
N THR D 84 23.08 -1.16 -18.82
CA THR D 84 23.00 0.17 -18.11
C THR D 84 21.60 0.30 -17.51
N LEU D 85 20.56 -0.21 -18.21
CA LEU D 85 19.19 -0.24 -17.64
C LEU D 85 19.17 -1.18 -16.44
N GLN D 86 19.89 -2.33 -16.51
CA GLN D 86 19.97 -3.21 -15.32
C GLN D 86 20.66 -2.46 -14.17
N ILE D 87 21.71 -1.70 -14.47
CA ILE D 87 22.42 -0.96 -13.37
C ILE D 87 21.46 0.04 -12.70
N ALA D 88 20.65 0.75 -13.48
CA ALA D 88 19.64 1.70 -12.93
C ALA D 88 18.67 0.95 -11.98
N VAL D 89 18.21 -0.23 -12.37
CA VAL D 89 17.32 -1.05 -11.51
C VAL D 89 18.04 -1.52 -10.23
N LEU D 90 19.33 -1.93 -10.34
CA LEU D 90 20.09 -2.66 -9.26
C LEU D 90 20.97 -1.72 -8.40
N HIS D 91 20.89 -0.41 -8.62
CA HIS D 91 21.93 0.54 -8.15
C HIS D 91 22.00 0.63 -6.63
N ASP D 92 20.97 0.25 -5.94
CA ASP D 92 20.88 0.28 -4.46
C ASP D 92 21.01 -1.11 -3.84
N THR D 93 21.17 -2.22 -4.60
CA THR D 93 21.17 -3.60 -4.00
C THR D 93 22.36 -3.83 -3.06
N LEU D 94 23.56 -3.38 -3.43
CA LEU D 94 24.75 -3.66 -2.55
C LEU D 94 24.70 -2.77 -1.30
N GLN D 95 24.16 -1.55 -1.37
CA GLN D 95 24.05 -0.70 -0.15
C GLN D 95 22.93 -1.16 0.78
N ASP D 96 21.74 -1.52 0.26
CA ASP D 96 20.51 -1.61 1.12
C ASP D 96 20.03 -3.05 1.37
N THR D 97 20.60 -4.08 0.74
CA THR D 97 20.02 -5.45 0.68
C THR D 97 21.07 -6.52 0.95
N ALA D 98 20.63 -7.74 1.16
CA ALA D 98 21.48 -8.90 1.45
C ALA D 98 22.35 -9.27 0.23
N THR D 99 22.28 -8.53 -0.86
CA THR D 99 22.90 -8.88 -2.16
C THR D 99 24.43 -8.80 -2.05
N SER D 100 25.15 -9.73 -2.65
CA SER D 100 26.63 -9.81 -2.64
C SER D 100 27.14 -9.43 -4.03
N PRO D 101 28.33 -8.84 -4.15
CA PRO D 101 28.90 -8.61 -5.48
C PRO D 101 28.96 -9.89 -6.33
N GLU D 102 29.26 -11.04 -5.71
CA GLU D 102 29.42 -12.37 -6.38
C GLU D 102 28.09 -12.73 -7.06
N GLU D 103 26.96 -12.46 -6.40
CA GLU D 103 25.59 -12.72 -6.95
C GLU D 103 25.35 -11.86 -8.20
N LEU D 104 25.59 -10.54 -8.12
CA LEU D 104 25.48 -9.64 -9.30
C LEU D 104 26.40 -10.09 -10.44
N ARG D 105 27.63 -10.43 -10.09
CA ARG D 105 28.65 -10.77 -11.11
C ARG D 105 28.18 -12.02 -11.87
N GLN D 106 27.73 -13.04 -11.12
CA GLN D 106 27.29 -14.36 -11.68
C GLN D 106 26.00 -14.17 -12.50
N GLN D 107 25.02 -13.41 -12.03
CA GLN D 107 23.70 -13.33 -12.70
C GLN D 107 23.69 -12.27 -13.81
N PHE D 108 24.42 -11.14 -13.64
CA PHE D 108 24.35 -10.02 -14.60
C PHE D 108 25.65 -9.74 -15.33
N GLY D 109 26.80 -10.30 -14.86
CA GLY D 109 28.10 -9.95 -15.48
C GLY D 109 28.88 -8.82 -14.78
N GLU D 110 30.19 -8.71 -15.12
CA GLU D 110 31.17 -7.84 -14.42
C GLU D 110 30.78 -6.36 -14.63
N PHE D 111 30.40 -5.98 -15.84
CA PHE D 111 30.05 -4.57 -16.18
C PHE D 111 28.90 -4.10 -15.27
N VAL D 112 27.89 -4.94 -15.04
CA VAL D 112 26.74 -4.55 -14.16
C VAL D 112 27.19 -4.54 -12.69
N CYS D 113 27.89 -5.56 -12.25
CA CYS D 113 28.44 -5.60 -10.88
C CYS D 113 29.25 -4.33 -10.62
N ALA D 114 30.20 -3.98 -11.50
CA ALA D 114 31.13 -2.82 -11.28
C ALA D 114 30.30 -1.52 -11.29
N GLY D 115 29.28 -1.46 -12.14
CA GLY D 115 28.30 -0.34 -12.14
C GLY D 115 27.64 -0.17 -10.79
N VAL D 116 27.09 -1.25 -10.21
CA VAL D 116 26.42 -1.14 -8.88
C VAL D 116 27.49 -0.77 -7.83
N GLN D 117 28.70 -1.33 -7.93
CA GLN D 117 29.77 -1.02 -6.95
C GLN D 117 30.10 0.49 -7.03
N ALA D 118 30.30 1.04 -8.24
CA ALA D 118 30.57 2.47 -8.50
C ALA D 118 29.51 3.33 -7.80
N LEU D 119 28.24 2.91 -7.82
CA LEU D 119 27.09 3.74 -7.36
C LEU D 119 26.79 3.50 -5.88
N SER D 120 27.49 2.59 -5.21
CA SER D 120 27.34 2.30 -3.77
C SER D 120 28.29 3.17 -2.95
N LYS D 121 27.78 4.14 -2.16
CA LYS D 121 28.63 4.91 -1.20
C LYS D 121 29.15 3.94 -0.15
N ARG D 122 28.32 2.97 0.21
CA ARG D 122 28.65 1.94 1.22
C ARG D 122 28.16 0.60 0.66
N VAL D 123 28.94 -0.45 0.85
CA VAL D 123 28.54 -1.84 0.43
C VAL D 123 28.32 -2.64 1.70
N GLY D 124 27.04 -2.89 2.02
CA GLY D 124 26.66 -3.54 3.27
C GLY D 124 27.20 -2.81 4.50
N ASP D 125 28.01 -3.53 5.31
CA ASP D 125 28.53 -3.14 6.66
C ASP D 125 29.98 -2.64 6.52
N GLY D 126 30.45 -2.47 5.28
CA GLY D 126 31.79 -1.92 5.00
C GLY D 126 31.83 -0.41 5.22
N PRO D 127 32.95 0.24 4.84
CA PRO D 127 33.11 1.69 5.00
C PRO D 127 32.32 2.51 3.96
N LYS D 128 31.73 3.65 4.38
CA LYS D 128 31.05 4.65 3.51
C LYS D 128 32.09 5.60 2.88
N ARG D 129 32.12 5.73 1.56
CA ARG D 129 33.10 6.59 0.86
C ARG D 129 32.61 8.03 1.01
N SER D 130 33.52 8.99 1.02
CA SER D 130 33.22 10.45 1.01
C SER D 130 32.51 10.79 -0.30
N LEU D 131 31.68 11.84 -0.30
CA LEU D 131 31.07 12.32 -1.56
C LEU D 131 32.20 12.59 -2.56
N ASP D 132 33.31 13.23 -2.17
CA ASP D 132 34.33 13.64 -3.16
C ASP D 132 34.90 12.42 -3.90
N ASP D 133 35.19 11.39 -3.16
CA ASP D 133 35.78 10.11 -3.66
C ASP D 133 34.76 9.41 -4.56
N TYR D 134 33.57 9.27 -4.02
CA TYR D 134 32.42 8.69 -4.76
C TYR D 134 32.26 9.37 -6.12
N LEU D 135 32.15 10.72 -6.18
CA LEU D 135 31.91 11.41 -7.45
C LEU D 135 33.16 11.34 -8.34
N GLN D 136 34.34 11.45 -7.77
CA GLN D 136 35.59 11.37 -8.59
C GLN D 136 35.62 10.04 -9.34
N ALA D 137 35.43 8.95 -8.61
CA ALA D 137 35.48 7.59 -9.21
C ALA D 137 34.35 7.46 -10.26
N LEU D 138 33.17 8.05 -10.03
CA LEU D 138 32.09 8.00 -11.07
C LEU D 138 32.49 8.85 -12.29
N ALA D 139 33.16 9.99 -12.06
CA ALA D 139 33.58 10.93 -13.14
C ALA D 139 34.64 10.27 -14.03
N GLU D 140 35.53 9.48 -13.43
CA GLU D 140 36.71 8.94 -14.17
C GLU D 140 36.39 7.54 -14.70
N GLY D 141 35.33 6.92 -14.18
CA GLY D 141 34.91 5.58 -14.65
C GLY D 141 33.98 5.63 -15.87
N PRO D 142 33.42 4.45 -16.27
CA PRO D 142 32.48 4.36 -17.38
C PRO D 142 31.32 5.38 -17.28
N ALA D 143 31.15 6.14 -18.35
CA ALA D 143 30.18 7.26 -18.40
C ALA D 143 28.75 6.71 -18.14
N GLN D 144 28.47 5.45 -18.48
CA GLN D 144 27.13 4.87 -18.21
C GLN D 144 26.85 4.89 -16.70
N TYR D 145 27.83 4.63 -15.84
CA TYR D 145 27.58 4.61 -14.38
C TYR D 145 27.26 6.04 -13.89
N ALA D 146 28.02 7.03 -14.36
CA ALA D 146 27.75 8.48 -14.10
C ALA D 146 26.35 8.85 -14.60
N LEU D 147 25.94 8.38 -15.78
CA LEU D 147 24.61 8.72 -16.36
C LEU D 147 23.51 8.17 -15.44
N VAL D 148 23.68 6.98 -14.86
CA VAL D 148 22.74 6.39 -13.91
C VAL D 148 22.64 7.27 -12.67
N LYS D 149 23.76 7.79 -12.18
CA LYS D 149 23.68 8.70 -11.02
C LYS D 149 22.89 9.98 -11.38
N LEU D 150 23.09 10.57 -12.54
CA LEU D 150 22.29 11.74 -12.98
C LEU D 150 20.79 11.38 -12.94
N CYS D 151 20.40 10.21 -13.45
CA CYS D 151 18.98 9.76 -13.44
C CYS D 151 18.49 9.59 -11.99
N ASP D 152 19.30 9.05 -11.08
CA ASP D 152 18.99 8.86 -9.65
C ASP D 152 18.71 10.25 -9.04
N ARG D 153 19.57 11.20 -9.30
CA ARG D 153 19.42 12.53 -8.66
C ARG D 153 18.19 13.26 -9.23
N ILE D 154 17.99 13.18 -10.55
CA ILE D 154 16.74 13.69 -11.18
C ILE D 154 15.54 13.14 -10.40
N THR D 155 15.52 11.80 -10.15
CA THR D 155 14.36 11.12 -9.52
C THR D 155 14.21 11.65 -8.09
N ASN D 156 15.32 11.96 -7.44
CA ASN D 156 15.31 12.40 -6.02
C ASN D 156 15.00 13.91 -5.91
N LEU D 157 14.86 14.65 -7.01
CA LEU D 157 14.43 16.08 -6.96
C LEU D 157 12.92 16.21 -7.27
N GLN D 158 12.16 15.19 -6.94
CA GLN D 158 10.69 15.27 -6.74
C GLN D 158 10.50 16.14 -5.50
N PRO D 159 9.27 16.59 -5.19
CA PRO D 159 9.03 17.38 -3.99
C PRO D 159 9.55 16.65 -2.78
N PRO D 160 10.20 17.35 -1.85
CA PRO D 160 10.85 16.73 -0.70
C PRO D 160 9.86 16.14 0.29
N PRO D 161 10.26 15.10 1.07
CA PRO D 161 9.39 14.56 2.11
C PRO D 161 8.87 15.67 3.01
N GLN D 162 7.66 15.43 3.52
CA GLN D 162 6.83 16.40 4.27
C GLN D 162 7.49 16.71 5.61
N THR D 163 8.49 15.92 6.01
CA THR D 163 9.10 16.02 7.35
C THR D 163 10.49 16.68 7.27
N TRP D 164 10.97 17.06 6.10
CA TRP D 164 12.24 17.80 5.91
C TRP D 164 12.00 19.29 6.18
N ASN D 165 12.83 19.88 7.02
CA ASN D 165 12.85 21.34 7.30
C ASN D 165 13.60 22.04 6.17
N GLN D 166 13.50 23.37 6.12
CA GLN D 166 13.98 24.23 5.02
C GLN D 166 15.49 24.02 4.81
N ASP D 167 16.15 23.73 5.91
CA ASP D 167 17.61 23.58 6.08
C ASP D 167 18.08 22.30 5.34
N LYS D 168 17.47 21.17 5.65
CA LYS D 168 17.67 19.85 4.96
C LYS D 168 17.41 19.98 3.45
N ILE D 169 16.34 20.67 3.06
CA ILE D 169 16.00 20.90 1.64
C ILE D 169 17.10 21.70 0.93
N ALA D 170 17.49 22.82 1.50
CA ALA D 170 18.59 23.68 1.01
C ALA D 170 19.87 22.83 0.79
N ASN D 171 20.28 22.04 1.79
CA ASN D 171 21.52 21.23 1.75
C ASN D 171 21.39 20.19 0.62
N TYR D 172 20.23 19.56 0.45
CA TYR D 172 20.03 18.56 -0.61
C TYR D 172 20.21 19.23 -1.97
N HIS D 173 19.68 20.45 -2.10
CA HIS D 173 19.77 21.30 -3.31
C HIS D 173 21.27 21.56 -3.65
N GLN D 174 22.02 22.05 -2.66
N GLN D 174 22.03 22.01 -2.67
CA GLN D 174 23.48 22.31 -2.77
CA GLN D 174 23.47 22.32 -2.89
C GLN D 174 24.17 21.03 -3.27
C GLN D 174 24.20 21.01 -3.28
N GLU D 175 23.90 19.89 -2.62
CA GLU D 175 24.56 18.59 -2.96
C GLU D 175 24.21 18.19 -4.40
N SER D 176 23.00 18.49 -4.86
CA SER D 176 22.59 18.21 -6.27
C SER D 176 23.45 19.04 -7.24
N GLN D 177 23.80 20.30 -6.88
CA GLN D 177 24.60 21.17 -7.79
C GLN D 177 26.01 20.53 -7.98
N LEU D 178 26.56 19.89 -6.94
CA LEU D 178 27.89 19.23 -7.00
C LEU D 178 27.77 18.00 -7.91
N ILE D 179 26.68 17.25 -7.82
CA ILE D 179 26.50 16.05 -8.72
C ILE D 179 26.43 16.52 -10.17
N LEU D 180 25.72 17.60 -10.45
CA LEU D 180 25.66 18.16 -11.82
C LEU D 180 27.06 18.59 -12.27
N ALA D 181 27.81 19.34 -11.44
CA ALA D 181 29.17 19.86 -11.80
C ALA D 181 30.13 18.68 -12.08
N ARG D 182 30.10 17.65 -11.23
CA ARG D 182 31.10 16.54 -11.25
C ARG D 182 30.74 15.49 -12.34
N LEU D 183 29.45 15.24 -12.62
CA LEU D 183 29.02 14.10 -13.50
C LEU D 183 28.26 14.55 -14.75
N GLY D 184 28.07 15.85 -14.99
CA GLY D 184 27.14 16.28 -16.06
C GLY D 184 27.72 16.03 -17.44
N HIS D 185 29.04 15.94 -17.54
CA HIS D 185 29.75 15.56 -18.79
C HIS D 185 29.19 14.26 -19.40
N ALA D 186 28.62 13.37 -18.59
CA ALA D 186 28.33 11.96 -19.03
C ALA D 186 27.27 11.92 -20.12
N HIS D 187 26.32 12.85 -20.16
CA HIS D 187 25.19 12.76 -21.14
C HIS D 187 24.54 14.13 -21.24
N ALA D 188 24.71 14.83 -22.34
CA ALA D 188 24.36 16.27 -22.43
C ALA D 188 22.87 16.48 -22.15
N ALA D 189 22.01 15.65 -22.72
CA ALA D 189 20.54 15.86 -22.56
C ALA D 189 20.15 15.63 -21.10
N THR D 190 20.68 14.59 -20.46
CA THR D 190 20.36 14.29 -19.04
C THR D 190 20.91 15.41 -18.12
N ALA D 191 22.11 15.92 -18.37
CA ALA D 191 22.67 17.08 -17.62
C ALA D 191 21.71 18.28 -17.71
N ARG D 192 21.22 18.59 -18.90
CA ARG D 192 20.23 19.71 -19.10
C ARG D 192 19.01 19.42 -18.23
N ARG D 193 18.49 18.18 -18.27
CA ARG D 193 17.35 17.83 -17.40
C ARG D 193 17.71 18.01 -15.92
N LEU D 194 18.89 17.58 -15.46
CA LEU D 194 19.18 17.68 -14.02
C LEU D 194 19.22 19.18 -13.65
N ARG D 195 19.76 20.02 -14.52
CA ARG D 195 19.87 21.47 -14.27
C ARG D 195 18.43 22.02 -14.11
N GLU D 196 17.51 21.65 -15.01
CA GLU D 196 16.09 22.06 -14.92
C GLU D 196 15.49 21.61 -13.58
N LYS D 197 15.68 20.36 -13.19
CA LYS D 197 15.17 19.87 -11.89
C LYS D 197 15.76 20.64 -10.70
N ILE D 198 17.06 20.94 -10.76
CA ILE D 198 17.74 21.73 -9.68
C ILE D 198 17.11 23.11 -9.63
N GLU D 199 16.93 23.77 -10.76
CA GLU D 199 16.26 25.10 -10.81
C GLU D 199 14.82 24.98 -10.28
N HIS D 200 14.09 23.92 -10.66
CA HIS D 200 12.67 23.69 -10.18
C HIS D 200 12.67 23.48 -8.65
N TYR D 201 13.67 22.82 -8.08
CA TYR D 201 13.68 22.40 -6.66
C TYR D 201 13.88 23.61 -5.74
N ARG D 202 14.41 24.71 -6.30
CA ARG D 202 14.76 25.95 -5.58
C ARG D 202 13.51 26.48 -4.89
N GLN D 203 12.34 26.16 -5.48
CA GLN D 203 11.02 26.67 -5.04
C GLN D 203 10.65 26.05 -3.69
N TYR D 204 11.25 24.93 -3.26
CA TYR D 204 10.86 24.23 -2.01
C TYR D 204 11.55 24.84 -0.79
N TYR D 205 12.37 25.89 -0.95
CA TYR D 205 12.97 26.62 0.20
C TYR D 205 13.21 28.10 -0.13
MN MN E . -21.95 -9.50 3.45
MN MN F . -1.88 -6.05 -16.67
MN MN G . 5.30 9.96 19.04
MN MN H . 18.66 5.61 -6.04
#